data_9LS7
#
_entry.id   9LS7
#
_cell.length_a   60.356
_cell.length_b   61.617
_cell.length_c   277.585
_cell.angle_alpha   90.00
_cell.angle_beta   90.00
_cell.angle_gamma   90.00
#
_symmetry.space_group_name_H-M   'P 21 21 21'
#
loop_
_entity.id
_entity.type
_entity.pdbx_description
1 polymer 'Ryanodine receptor 3'
2 non-polymer 'PHOSPHOMETHYLPHOSPHONIC ACID ADENYLATE ESTER'
3 non-polymer '(2~{S})-4-(naphthalen-2-ylamino)-4-oxidanylidene-2-(3-oxidanylpropylamino)butanoic acid'
4 water water
#
_entity_poly.entity_id   1
_entity_poly.type   'polypeptide(L)'
_entity_poly.pdbx_seq_one_letter_code
;SNASFIPCPVDTSQVILPPHLEKIRDRLAENIHELWGMNKIELGWTFGKIRDDNKRQHPCLVEFSKLPETEKNYNLQMST
ETLKTLLALGCHIAHVNPAAEEDLKKVKLPKNYMMSNGYKPAPLDLSDVKLLPPQEILVDKLAENAHNVWAKDRIKQGWT
YGIQQDLKNKRNPRLVPYALLDERTKKSNRDSLREAVRTFVGYGYNIEPSDQELADSA
;
_entity_poly.pdbx_strand_id   A,B,C,D
#
loop_
_chem_comp.id
_chem_comp.type
_chem_comp.name
_chem_comp.formula
A1L7G non-polymer '(2~{S})-4-(naphthalen-2-ylamino)-4-oxidanylidene-2-(3-oxidanylpropylamino)butanoic acid' 'C17 H20 N2 O4'
ACP non-polymer 'PHOSPHOMETHYLPHOSPHONIC ACID ADENYLATE ESTER' 'C11 H18 N5 O12 P3'
#
# COMPACT_ATOMS: atom_id res chain seq x y z
N SER A 4 3.23 -27.67 28.67
CA SER A 4 3.36 -27.80 30.12
C SER A 4 3.22 -26.47 30.82
N PHE A 5 2.24 -25.67 30.37
CA PHE A 5 1.98 -24.34 30.91
C PHE A 5 0.70 -24.39 31.75
N ILE A 6 0.80 -23.95 33.00
CA ILE A 6 -0.34 -23.98 33.91
C ILE A 6 -0.58 -22.58 34.47
N PRO A 7 -1.25 -21.71 33.72
CA PRO A 7 -1.51 -20.33 34.21
C PRO A 7 -2.58 -20.34 35.28
N CYS A 8 -2.24 -19.81 36.46
CA CYS A 8 -3.17 -19.74 37.59
C CYS A 8 -3.29 -18.28 38.02
N PRO A 9 -4.29 -17.56 37.52
CA PRO A 9 -4.47 -16.16 37.92
C PRO A 9 -4.95 -16.06 39.36
N VAL A 10 -4.83 -14.84 39.90
CA VAL A 10 -5.34 -14.58 41.24
C VAL A 10 -6.82 -14.93 41.29
N ASP A 11 -7.20 -15.72 42.28
CA ASP A 11 -8.57 -16.22 42.37
C ASP A 11 -9.52 -15.08 42.73
N THR A 12 -10.43 -14.76 41.82
CA THR A 12 -11.42 -13.70 42.03
C THR A 12 -12.84 -14.25 42.13
N SER A 13 -12.99 -15.56 42.35
CA SER A 13 -14.30 -16.18 42.27
C SER A 13 -15.24 -15.75 43.39
N GLN A 14 -14.71 -15.17 44.47
CA GLN A 14 -15.53 -14.78 45.61
C GLN A 14 -15.65 -13.27 45.77
N VAL A 15 -15.24 -12.50 44.75
CA VAL A 15 -15.23 -11.05 44.82
C VAL A 15 -16.46 -10.51 44.11
N ILE A 16 -17.27 -9.74 44.83
CA ILE A 16 -18.34 -8.96 44.23
C ILE A 16 -17.80 -7.61 43.84
N LEU A 17 -18.10 -7.16 42.63
CA LEU A 17 -17.71 -5.83 42.20
C LEU A 17 -18.77 -4.84 42.63
N PRO A 18 -18.52 -3.98 43.61
CA PRO A 18 -19.55 -3.06 44.09
C PRO A 18 -20.15 -2.26 42.96
N PRO A 19 -21.47 -2.05 42.98
CA PRO A 19 -22.13 -1.42 41.83
C PRO A 19 -21.56 -0.06 41.45
N HIS A 20 -21.05 0.71 42.42
CA HIS A 20 -20.58 2.04 42.11
C HIS A 20 -19.28 2.04 41.31
N LEU A 21 -18.49 0.97 41.40
CA LEU A 21 -17.25 0.88 40.63
C LEU A 21 -17.49 0.51 39.17
N GLU A 22 -18.74 0.37 38.74
CA GLU A 22 -19.01 -0.02 37.37
C GLU A 22 -18.69 1.09 36.38
N LYS A 23 -18.77 2.35 36.82
CA LYS A 23 -18.40 3.46 35.94
C LYS A 23 -16.91 3.46 35.67
N ILE A 24 -16.09 3.47 36.72
CA ILE A 24 -14.64 3.37 36.55
C ILE A 24 -14.30 2.12 35.75
N ARG A 25 -14.98 1.01 36.04
CA ARG A 25 -14.80 -0.19 35.24
C ARG A 25 -15.01 0.10 33.76
N ASP A 26 -16.09 0.82 33.43
CA ASP A 26 -16.32 1.21 32.04
C ASP A 26 -15.27 2.20 31.56
N ARG A 27 -14.92 3.18 32.39
CA ARG A 27 -13.89 4.15 32.02
C ARG A 27 -12.58 3.44 31.69
N LEU A 28 -12.14 2.55 32.59
CA LEU A 28 -10.87 1.86 32.40
C LEU A 28 -10.83 1.11 31.06
N ALA A 29 -11.88 0.34 30.77
CA ALA A 29 -11.89 -0.42 29.53
C ALA A 29 -11.77 0.48 28.31
N GLU A 30 -12.49 1.59 28.30
CA GLU A 30 -12.47 2.49 27.15
C GLU A 30 -11.08 3.08 26.94
N ASN A 31 -10.47 3.58 28.01
CA ASN A 31 -9.15 4.20 27.87
C ASN A 31 -8.09 3.16 27.48
N ILE A 32 -8.16 1.97 28.07
CA ILE A 32 -7.23 0.90 27.71
C ILE A 32 -7.36 0.59 26.22
N HIS A 33 -8.58 0.60 25.70
CA HIS A 33 -8.77 0.33 24.27
C HIS A 33 -8.11 1.40 23.42
N GLU A 34 -8.24 2.67 23.80
CA GLU A 34 -7.62 3.75 23.04
C GLU A 34 -6.11 3.56 22.95
N LEU A 35 -5.47 3.19 24.06
CA LEU A 35 -4.05 2.91 24.04
C LEU A 35 -3.73 1.80 23.04
N TRP A 36 -4.53 0.74 23.05
CA TRP A 36 -4.33 -0.35 22.09
C TRP A 36 -4.33 0.18 20.66
N GLY A 37 -5.32 1.03 20.33
CA GLY A 37 -5.41 1.54 18.98
C GLY A 37 -4.23 2.43 18.62
N MET A 38 -3.84 3.33 19.52
CA MET A 38 -2.67 4.15 19.30
C MET A 38 -1.42 3.30 19.06
N ASN A 39 -1.23 2.26 19.88
CA ASN A 39 -0.07 1.40 19.72
C ASN A 39 -0.07 0.70 18.37
N LYS A 40 -1.25 0.24 17.92
CA LYS A 40 -1.31 -0.47 16.65
C LYS A 40 -1.09 0.49 15.48
N ILE A 41 -1.74 1.65 15.51
CA ILE A 41 -1.47 2.66 14.49
C ILE A 41 0.02 2.96 14.42
N GLU A 42 0.68 3.05 15.58
CA GLU A 42 2.11 3.29 15.61
C GLU A 42 2.90 2.11 15.07
N LEU A 43 2.33 0.90 15.08
CA LEU A 43 2.96 -0.27 14.49
C LEU A 43 2.64 -0.41 13.01
N GLY A 44 2.02 0.59 12.39
CA GLY A 44 1.70 0.53 10.98
C GLY A 44 0.36 -0.07 10.65
N TRP A 45 -0.54 -0.19 11.62
CA TRP A 45 -1.87 -0.75 11.36
C TRP A 45 -2.84 0.34 10.96
N THR A 46 -3.80 -0.04 10.10
CA THR A 46 -4.83 0.86 9.64
C THR A 46 -6.15 0.10 9.58
N PHE A 47 -7.24 0.85 9.50
CA PHE A 47 -8.56 0.23 9.57
C PHE A 47 -8.75 -0.77 8.43
N GLY A 48 -9.64 -1.74 8.67
CA GLY A 48 -10.04 -2.70 7.67
C GLY A 48 -11.29 -3.43 8.09
N LYS A 49 -12.28 -3.50 7.19
CA LYS A 49 -13.52 -4.20 7.53
C LYS A 49 -13.25 -5.63 7.98
N ILE A 50 -12.26 -6.27 7.39
CA ILE A 50 -11.84 -7.62 7.79
C ILE A 50 -10.35 -7.59 8.08
N ARG A 51 -9.93 -8.44 9.01
CA ARG A 51 -8.53 -8.47 9.42
C ARG A 51 -7.66 -9.07 8.32
N ASP A 52 -6.57 -8.38 7.99
CA ASP A 52 -5.63 -8.84 6.97
C ASP A 52 -4.23 -8.50 7.47
N ASP A 53 -3.50 -9.51 7.94
CA ASP A 53 -2.17 -9.28 8.50
C ASP A 53 -1.21 -8.78 7.43
N ASN A 54 -1.28 -9.34 6.22
CA ASN A 54 -0.39 -8.91 5.15
C ASN A 54 -0.55 -7.42 4.87
N LYS A 55 -1.78 -6.91 4.94
CA LYS A 55 -2.05 -5.50 4.71
C LYS A 55 -2.13 -4.68 5.98
N ARG A 56 -2.30 -5.32 7.14
CA ARG A 56 -2.37 -4.62 8.42
C ARG A 56 -3.67 -3.83 8.56
N GLN A 57 -4.78 -4.46 8.17
CA GLN A 57 -6.11 -3.90 8.36
C GLN A 57 -6.74 -4.57 9.58
N HIS A 58 -7.35 -3.77 10.45
CA HIS A 58 -7.95 -4.30 11.67
C HIS A 58 -9.36 -3.75 11.84
N PRO A 59 -10.36 -4.63 12.06
CA PRO A 59 -11.73 -4.14 12.22
C PRO A 59 -11.99 -3.45 13.54
N CYS A 60 -11.14 -3.65 14.54
CA CYS A 60 -11.35 -3.10 15.87
C CYS A 60 -10.71 -1.73 16.06
N LEU A 61 -10.25 -1.10 14.99
CA LEU A 61 -9.70 0.26 15.06
C LEU A 61 -10.83 1.30 14.97
N VAL A 62 -11.77 1.16 15.90
CA VAL A 62 -12.95 2.01 15.97
C VAL A 62 -13.10 2.50 17.41
N GLU A 63 -14.17 3.24 17.65
CA GLU A 63 -14.50 3.65 19.01
C GLU A 63 -14.98 2.44 19.81
N PHE A 64 -14.73 2.48 21.13
CA PHE A 64 -15.04 1.32 21.97
C PHE A 64 -16.47 0.86 21.79
N SER A 65 -17.40 1.79 21.60
CA SER A 65 -18.80 1.42 21.45
C SER A 65 -19.03 0.61 20.18
N LYS A 66 -18.48 1.09 19.05
CA LYS A 66 -18.68 0.42 17.77
C LYS A 66 -17.96 -0.93 17.69
N LEU A 67 -17.24 -1.34 18.71
CA LEU A 67 -16.54 -2.61 18.67
C LEU A 67 -17.54 -3.77 18.60
N PRO A 68 -17.24 -4.83 17.85
CA PRO A 68 -18.12 -6.00 17.86
C PRO A 68 -18.37 -6.48 19.28
N GLU A 69 -19.54 -7.10 19.49
CA GLU A 69 -19.93 -7.50 20.84
C GLU A 69 -18.93 -8.48 21.44
N THR A 70 -18.54 -9.50 20.66
CA THR A 70 -17.58 -10.47 21.16
C THR A 70 -16.29 -9.79 21.61
N GLU A 71 -15.83 -8.79 20.85
CA GLU A 71 -14.61 -8.07 21.23
C GLU A 71 -14.89 -7.02 22.30
N LYS A 72 -16.07 -6.40 22.29
CA LYS A 72 -16.40 -5.41 23.32
C LYS A 72 -16.54 -6.08 24.69
N ASN A 73 -17.27 -7.19 24.74
CA ASN A 73 -17.50 -7.85 26.03
C ASN A 73 -16.20 -8.34 26.64
N TYR A 74 -15.28 -8.85 25.81
CA TYR A 74 -14.00 -9.30 26.33
C TYR A 74 -13.30 -8.17 27.07
N ASN A 75 -13.27 -6.98 26.48
CA ASN A 75 -12.63 -5.84 27.14
C ASN A 75 -13.32 -5.49 28.45
N LEU A 76 -14.64 -5.69 28.53
CA LEU A 76 -15.35 -5.39 29.77
C LEU A 76 -15.10 -6.47 30.82
N GLN A 77 -15.08 -7.73 30.42
CA GLN A 77 -14.79 -8.81 31.37
C GLN A 77 -13.37 -8.66 31.92
N MET A 78 -12.39 -8.47 31.04
CA MET A 78 -11.03 -8.22 31.50
C MET A 78 -10.97 -7.01 32.43
N SER A 79 -11.70 -5.94 32.09
CA SER A 79 -11.75 -4.77 32.95
C SER A 79 -12.29 -5.13 34.33
N THR A 80 -13.39 -5.89 34.36
CA THR A 80 -13.97 -6.29 35.64
C THR A 80 -13.00 -7.17 36.43
N GLU A 81 -12.29 -8.07 35.74
CA GLU A 81 -11.33 -8.92 36.42
C GLU A 81 -10.15 -8.13 36.96
N THR A 82 -9.77 -7.04 36.29
CA THR A 82 -8.70 -6.20 36.83
C THR A 82 -9.10 -5.62 38.18
N LEU A 83 -10.32 -5.07 38.27
CA LEU A 83 -10.78 -4.51 39.52
C LEU A 83 -11.00 -5.59 40.58
N LYS A 84 -11.59 -6.71 40.18
CA LYS A 84 -11.77 -7.82 41.12
C LYS A 84 -10.41 -8.36 41.58
N THR A 85 -9.41 -8.34 40.71
CA THR A 85 -8.07 -8.75 41.12
C THR A 85 -7.50 -7.80 42.17
N LEU A 86 -7.66 -6.49 41.95
CA LEU A 86 -7.27 -5.52 42.96
C LEU A 86 -7.95 -5.84 44.29
N LEU A 87 -9.26 -6.03 44.27
CA LEU A 87 -9.99 -6.34 45.50
C LEU A 87 -9.50 -7.64 46.11
N ALA A 88 -9.29 -8.67 45.28
CA ALA A 88 -8.81 -9.95 45.79
C ALA A 88 -7.43 -9.81 46.44
N LEU A 89 -6.65 -8.81 46.03
CA LEU A 89 -5.33 -8.57 46.58
C LEU A 89 -5.37 -7.65 47.81
N GLY A 90 -6.55 -7.42 48.36
CA GLY A 90 -6.67 -6.62 49.57
C GLY A 90 -6.75 -5.12 49.36
N CYS A 91 -6.52 -4.64 48.14
CA CYS A 91 -6.58 -3.20 47.90
C CYS A 91 -7.98 -2.67 48.19
N HIS A 92 -8.05 -1.40 48.55
CA HIS A 92 -9.31 -0.69 48.73
C HIS A 92 -9.44 0.36 47.64
N ILE A 93 -10.61 0.44 47.04
CA ILE A 93 -10.89 1.37 45.96
C ILE A 93 -12.02 2.28 46.41
N ALA A 94 -11.73 3.55 46.63
CA ALA A 94 -12.72 4.53 47.04
C ALA A 94 -12.43 5.85 46.35
N HIS A 95 -13.50 6.60 46.10
CA HIS A 95 -13.38 7.88 45.40
C HIS A 95 -12.87 8.95 46.34
N VAL A 96 -11.78 9.61 45.94
CA VAL A 96 -11.17 10.66 46.76
C VAL A 96 -11.51 12.02 46.17
N ASN A 97 -10.93 12.34 45.01
CA ASN A 97 -11.07 13.66 44.41
C ASN A 97 -12.18 13.66 43.37
N PRO A 98 -13.38 14.16 43.71
CA PRO A 98 -14.45 14.18 42.69
C PRO A 98 -14.15 15.11 41.53
N ALA A 99 -13.47 16.23 41.76
CA ALA A 99 -13.19 17.19 40.70
C ALA A 99 -12.12 16.70 39.74
N ALA A 100 -11.46 15.57 40.03
CA ALA A 100 -10.40 15.08 39.16
C ALA A 100 -10.91 14.84 37.74
N GLU A 101 -12.05 14.15 37.63
CA GLU A 101 -12.61 13.89 36.31
C GLU A 101 -12.88 15.18 35.54
N GLU A 102 -12.99 16.32 36.22
CA GLU A 102 -13.26 17.58 35.54
C GLU A 102 -12.02 18.06 34.77
N ASP A 103 -10.90 18.24 35.46
CA ASP A 103 -9.64 18.61 34.82
C ASP A 103 -8.94 17.39 34.23
N LEU A 104 -9.68 16.54 33.51
CA LEU A 104 -9.14 15.34 32.88
C LEU A 104 -9.18 15.61 31.38
N LYS A 105 -8.00 15.69 30.76
CA LYS A 105 -7.89 16.00 29.34
C LYS A 105 -7.28 14.82 28.59
N LYS A 106 -7.77 14.58 27.38
CA LYS A 106 -7.23 13.53 26.54
C LYS A 106 -5.99 14.02 25.80
N VAL A 107 -5.31 13.09 25.16
CA VAL A 107 -4.12 13.39 24.38
C VAL A 107 -4.55 13.75 22.96
N LYS A 108 -4.06 14.89 22.48
CA LYS A 108 -4.28 15.31 21.10
C LYS A 108 -3.13 14.75 20.25
N LEU A 109 -3.44 13.75 19.44
CA LEU A 109 -2.42 13.13 18.61
C LEU A 109 -2.40 13.78 17.23
N PRO A 110 -1.25 13.73 16.54
CA PRO A 110 -1.14 14.32 15.20
C PRO A 110 -2.28 13.92 14.27
N LYS A 111 -2.55 14.76 13.27
CA LYS A 111 -3.69 14.50 12.38
C LYS A 111 -3.53 13.19 11.63
N ASN A 112 -2.30 12.79 11.30
CA ASN A 112 -2.09 11.57 10.55
C ASN A 112 -2.50 10.32 11.31
N TYR A 113 -2.97 10.44 12.55
CA TYR A 113 -3.39 9.30 13.35
C TYR A 113 -4.83 8.88 13.11
N MET A 114 -5.62 9.68 12.38
CA MET A 114 -7.01 9.33 12.13
C MET A 114 -7.11 8.31 11.00
N MET A 115 -7.82 7.22 11.24
CA MET A 115 -7.98 6.20 10.23
C MET A 115 -8.97 6.66 9.16
N SER A 116 -9.01 5.90 8.06
CA SER A 116 -10.03 6.14 7.04
C SER A 116 -11.43 6.06 7.63
N ASN A 117 -11.62 5.21 8.64
CA ASN A 117 -12.87 5.00 9.38
C ASN A 117 -13.25 6.18 10.26
N GLY A 118 -12.52 7.30 10.20
CA GLY A 118 -12.82 8.44 11.03
C GLY A 118 -12.39 8.32 12.48
N TYR A 119 -11.93 7.14 12.90
CA TYR A 119 -11.51 6.95 14.29
C TYR A 119 -10.08 7.44 14.47
N LYS A 120 -9.88 8.32 15.46
CA LYS A 120 -8.55 8.75 15.88
C LYS A 120 -8.41 8.46 17.36
N PRO A 121 -7.43 7.64 17.77
CA PRO A 121 -7.29 7.32 19.19
C PRO A 121 -6.97 8.56 20.01
N ALA A 122 -7.55 8.64 21.20
CA ALA A 122 -7.36 9.77 22.11
C ALA A 122 -7.33 9.26 23.54
N PRO A 123 -6.24 8.60 23.93
CA PRO A 123 -6.13 8.14 25.32
C PRO A 123 -6.02 9.31 26.29
N LEU A 124 -6.29 9.01 27.55
CA LEU A 124 -6.23 10.03 28.60
C LEU A 124 -4.78 10.41 28.87
N ASP A 125 -4.47 11.69 28.75
CA ASP A 125 -3.14 12.20 29.08
C ASP A 125 -2.95 12.06 30.59
N LEU A 126 -2.24 11.01 31.00
CA LEU A 126 -1.96 10.74 32.41
C LEU A 126 -0.47 10.84 32.72
N SER A 127 0.27 11.61 31.90
CA SER A 127 1.70 11.72 32.11
C SER A 127 2.03 12.32 33.47
N ASP A 128 1.23 13.28 33.93
CA ASP A 128 1.50 13.93 35.20
C ASP A 128 1.26 13.01 36.40
N VAL A 129 0.47 11.96 36.22
CA VAL A 129 0.20 11.02 37.30
C VAL A 129 1.45 10.21 37.59
N LYS A 130 2.16 10.56 38.65
CA LYS A 130 3.34 9.83 39.07
C LYS A 130 2.93 8.80 40.11
N LEU A 131 3.23 7.53 39.83
CA LEU A 131 2.84 6.44 40.72
C LEU A 131 3.84 6.28 41.87
N LEU A 132 3.32 5.98 43.05
CA LEU A 132 4.15 5.76 44.21
C LEU A 132 4.84 4.40 44.12
N PRO A 133 6.00 4.25 44.76
CA PRO A 133 6.75 2.99 44.66
C PRO A 133 5.89 1.78 44.98
N PRO A 134 5.04 1.86 46.01
CA PRO A 134 4.16 0.71 46.28
C PRO A 134 3.18 0.43 45.16
N GLN A 135 2.64 1.49 44.54
CA GLN A 135 1.73 1.29 43.42
C GLN A 135 2.44 0.66 42.23
N GLU A 136 3.73 0.93 42.06
CA GLU A 136 4.47 0.33 40.96
C GLU A 136 4.60 -1.18 41.15
N ILE A 137 4.75 -1.63 42.40
CA ILE A 137 4.76 -3.06 42.67
C ILE A 137 3.43 -3.68 42.27
N LEU A 138 2.32 -3.02 42.65
CA LEU A 138 1.01 -3.50 42.26
C LEU A 138 0.90 -3.64 40.75
N VAL A 139 1.49 -2.71 40.01
CA VAL A 139 1.47 -2.78 38.55
C VAL A 139 2.15 -4.05 38.07
N ASP A 140 3.32 -4.36 38.63
CA ASP A 140 4.03 -5.59 38.22
C ASP A 140 3.18 -6.81 38.48
N LYS A 141 2.48 -6.85 39.62
CA LYS A 141 1.58 -7.97 39.89
C LYS A 141 0.46 -8.03 38.86
N LEU A 142 -0.26 -6.92 38.69
CA LEU A 142 -1.37 -6.90 37.73
C LEU A 142 -0.91 -7.28 36.33
N ALA A 143 0.27 -6.82 35.93
CA ALA A 143 0.79 -7.14 34.60
C ALA A 143 0.99 -8.64 34.44
N GLU A 144 1.77 -9.24 35.33
CA GLU A 144 1.99 -10.69 35.25
C GLU A 144 0.67 -11.45 35.36
N ASN A 145 -0.18 -11.05 36.30
CA ASN A 145 -1.46 -11.73 36.47
C ASN A 145 -2.38 -11.51 35.27
N ALA A 146 -2.26 -10.37 34.59
CA ALA A 146 -3.03 -10.17 33.37
C ALA A 146 -2.66 -11.21 32.33
N HIS A 147 -1.39 -11.58 32.26
CA HIS A 147 -0.94 -12.58 31.29
C HIS A 147 -1.51 -13.95 31.61
N ASN A 148 -1.55 -14.32 32.90
CA ASN A 148 -2.13 -15.60 33.27
C ASN A 148 -3.63 -15.64 32.98
N VAL A 149 -4.32 -14.51 33.16
CA VAL A 149 -5.73 -14.47 32.83
C VAL A 149 -5.94 -14.69 31.33
N TRP A 150 -5.22 -13.93 30.51
CA TRP A 150 -5.30 -14.12 29.06
C TRP A 150 -4.98 -15.56 28.67
N ALA A 151 -3.84 -16.07 29.17
CA ALA A 151 -3.44 -17.44 28.83
C ALA A 151 -4.51 -18.45 29.19
N LYS A 152 -5.00 -18.38 30.44
CA LYS A 152 -6.01 -19.34 30.89
C LYS A 152 -7.20 -19.37 29.94
N ASP A 153 -7.77 -18.19 29.64
CA ASP A 153 -8.89 -18.12 28.72
C ASP A 153 -8.53 -18.74 27.37
N ARG A 154 -7.38 -18.36 26.81
CA ARG A 154 -6.98 -18.89 25.51
C ARG A 154 -6.84 -20.40 25.54
N ILE A 155 -6.24 -20.93 26.60
CA ILE A 155 -6.11 -22.38 26.72
C ILE A 155 -7.48 -23.03 26.79
N LYS A 156 -8.38 -22.46 27.58
CA LYS A 156 -9.74 -23.00 27.69
C LYS A 156 -10.50 -22.95 26.37
N GLN A 157 -10.00 -22.22 25.37
CA GLN A 157 -10.66 -22.10 24.07
C GLN A 157 -9.88 -22.82 22.97
N GLY A 158 -9.07 -23.81 23.33
CA GLY A 158 -8.39 -24.63 22.35
C GLY A 158 -7.10 -24.06 21.81
N TRP A 159 -6.57 -22.99 22.41
CA TRP A 159 -5.31 -22.42 21.95
C TRP A 159 -4.13 -23.17 22.56
N THR A 160 -3.01 -23.17 21.83
CA THR A 160 -1.79 -23.81 22.29
C THR A 160 -0.60 -23.05 21.73
N TYR A 161 0.58 -23.33 22.29
CA TYR A 161 1.78 -22.66 21.84
C TYR A 161 2.13 -23.05 20.42
N GLY A 162 2.78 -22.13 19.72
CA GLY A 162 3.31 -22.39 18.39
C GLY A 162 4.38 -21.38 18.07
N ILE A 163 5.27 -21.76 17.16
CA ILE A 163 6.37 -20.86 16.80
C ILE A 163 5.82 -19.64 16.07
N GLN A 164 4.80 -19.83 15.23
CA GLN A 164 4.19 -18.74 14.48
C GLN A 164 2.69 -18.71 14.78
N GLN A 165 2.18 -17.53 15.09
CA GLN A 165 0.75 -17.40 15.36
C GLN A 165 -0.06 -17.95 14.19
N ASP A 166 -1.18 -18.60 14.52
CA ASP A 166 -2.00 -19.26 13.50
C ASP A 166 -3.45 -19.16 13.96
N LEU A 167 -4.19 -18.19 13.40
CA LEU A 167 -5.58 -18.02 13.78
C LEU A 167 -6.41 -19.25 13.46
N LYS A 168 -6.05 -19.98 12.40
CA LYS A 168 -6.80 -21.18 12.03
C LYS A 168 -6.49 -22.35 12.96
N ASN A 169 -5.21 -22.53 13.31
CA ASN A 169 -4.80 -23.64 14.17
C ASN A 169 -4.96 -23.33 15.65
N LYS A 170 -5.38 -22.12 16.00
CA LYS A 170 -5.49 -21.71 17.40
C LYS A 170 -4.17 -21.94 18.13
N ARG A 171 -3.11 -21.33 17.59
CA ARG A 171 -1.77 -21.45 18.13
C ARG A 171 -1.14 -20.07 18.22
N ASN A 172 -0.38 -19.83 19.30
CA ASN A 172 0.17 -18.53 19.58
C ASN A 172 1.51 -18.67 20.29
N PRO A 173 2.55 -17.96 19.82
CA PRO A 173 3.88 -18.10 20.45
C PRO A 173 3.98 -17.49 21.84
N ARG A 174 3.03 -16.65 22.25
CA ARG A 174 3.08 -16.00 23.55
C ARG A 174 2.39 -16.80 24.65
N LEU A 175 1.89 -18.00 24.35
CA LEU A 175 1.29 -18.87 25.36
C LEU A 175 2.41 -19.60 26.11
N VAL A 176 3.13 -18.82 26.92
CA VAL A 176 4.25 -19.32 27.71
C VAL A 176 4.21 -18.68 29.08
N PRO A 177 4.85 -19.30 30.06
CA PRO A 177 4.92 -18.68 31.39
C PRO A 177 5.54 -17.29 31.31
N TYR A 178 5.05 -16.39 32.17
CA TYR A 178 5.52 -15.01 32.18
C TYR A 178 7.04 -14.94 32.10
N ALA A 179 7.73 -15.81 32.84
CA ALA A 179 9.20 -15.74 32.90
C ALA A 179 9.82 -15.97 31.52
N LEU A 180 9.23 -16.86 30.72
CA LEU A 180 9.78 -17.16 29.41
C LEU A 180 9.38 -16.15 28.35
N LEU A 181 8.42 -15.28 28.64
CA LEU A 181 7.94 -14.33 27.65
C LEU A 181 9.03 -13.33 27.28
N ASP A 182 8.93 -12.79 26.06
CA ASP A 182 9.91 -11.81 25.61
C ASP A 182 9.78 -10.51 26.38
N GLU A 183 10.91 -9.97 26.82
CA GLU A 183 10.89 -8.77 27.65
C GLU A 183 10.15 -7.63 26.97
N ARG A 184 10.23 -7.53 25.64
CA ARG A 184 9.53 -6.47 24.93
C ARG A 184 8.03 -6.51 25.22
N THR A 185 7.43 -7.69 25.11
CA THR A 185 6.00 -7.82 25.39
C THR A 185 5.71 -7.60 26.87
N LYS A 186 6.51 -8.20 27.75
CA LYS A 186 6.32 -8.00 29.18
C LYS A 186 6.35 -6.52 29.54
N LYS A 187 7.27 -5.77 28.94
CA LYS A 187 7.32 -4.34 29.21
C LYS A 187 6.10 -3.62 28.67
N SER A 188 5.66 -3.98 27.47
CA SER A 188 4.47 -3.35 26.90
C SER A 188 3.25 -3.60 27.76
N ASN A 189 3.11 -4.82 28.30
CA ASN A 189 1.98 -5.12 29.17
C ASN A 189 2.06 -4.31 30.46
N ARG A 190 3.22 -4.26 31.10
CA ARG A 190 3.37 -3.44 32.30
C ARG A 190 2.98 -2.00 32.03
N ASP A 191 3.40 -1.46 30.89
CA ASP A 191 3.02 -0.09 30.54
C ASP A 191 1.50 0.05 30.49
N SER A 192 0.81 -0.93 29.89
CA SER A 192 -0.65 -0.88 29.83
C SER A 192 -1.24 -0.87 31.24
N LEU A 193 -0.89 -1.87 32.06
CA LEU A 193 -1.37 -1.90 33.42
C LEU A 193 -1.02 -0.62 34.16
N ARG A 194 0.17 -0.07 33.88
CA ARG A 194 0.56 1.19 34.53
C ARG A 194 -0.43 2.30 34.19
N GLU A 195 -0.84 2.39 32.92
CA GLU A 195 -1.86 3.37 32.56
C GLU A 195 -3.19 3.05 33.23
N ALA A 196 -3.51 1.77 33.39
CA ALA A 196 -4.76 1.39 34.05
C ALA A 196 -4.79 1.90 35.48
N VAL A 197 -3.71 1.68 36.23
CA VAL A 197 -3.64 2.20 37.60
C VAL A 197 -3.73 3.72 37.58
N ARG A 198 -3.07 4.37 36.61
CA ARG A 198 -3.14 5.82 36.52
C ARG A 198 -4.57 6.27 36.22
N THR A 199 -5.31 5.49 35.42
CA THR A 199 -6.68 5.86 35.12
C THR A 199 -7.52 5.99 36.39
N PHE A 200 -7.21 5.19 37.41
CA PHE A 200 -7.91 5.32 38.69
C PHE A 200 -7.58 6.66 39.35
N VAL A 201 -6.30 6.99 39.45
CA VAL A 201 -5.89 8.27 40.03
C VAL A 201 -6.52 9.42 39.23
N GLY A 202 -6.24 9.47 37.93
CA GLY A 202 -6.75 10.52 37.07
C GLY A 202 -8.25 10.71 37.17
N TYR A 203 -8.96 9.66 37.59
CA TYR A 203 -10.41 9.74 37.78
C TYR A 203 -10.81 10.02 39.22
N GLY A 204 -9.84 10.24 40.11
CA GLY A 204 -10.13 10.62 41.48
C GLY A 204 -10.15 9.49 42.48
N TYR A 205 -9.99 8.24 42.04
CA TYR A 205 -10.02 7.12 42.96
C TYR A 205 -8.67 6.91 43.63
N ASN A 206 -8.69 6.34 44.82
CA ASN A 206 -7.50 6.02 45.59
C ASN A 206 -7.31 4.51 45.65
N ILE A 207 -6.13 4.05 45.24
CA ILE A 207 -5.78 2.64 45.25
C ILE A 207 -4.79 2.43 46.40
N GLU A 208 -5.28 1.95 47.54
CA GLU A 208 -4.45 1.73 48.71
C GLU A 208 -4.86 0.45 49.41
N PRO A 209 -3.89 -0.36 49.87
CA PRO A 209 -4.20 -1.58 50.63
C PRO A 209 -4.70 -1.27 52.04
N PHE B 5 -36.88 20.13 -25.64
CA PHE B 5 -35.54 19.85 -26.13
C PHE B 5 -35.56 18.74 -27.17
N ILE B 6 -35.07 19.04 -28.37
CA ILE B 6 -35.05 18.09 -29.47
C ILE B 6 -33.60 17.87 -29.92
N PRO B 7 -32.81 17.07 -29.19
CA PRO B 7 -31.40 16.88 -29.57
C PRO B 7 -31.28 16.10 -30.87
N CYS B 8 -30.58 16.69 -31.83
CA CYS B 8 -30.39 16.09 -33.15
C CYS B 8 -28.91 16.13 -33.51
N PRO B 9 -28.14 15.13 -33.09
CA PRO B 9 -26.72 15.08 -33.45
C PRO B 9 -26.53 14.78 -34.94
N VAL B 10 -25.30 15.02 -35.39
CA VAL B 10 -24.95 14.72 -36.77
C VAL B 10 -25.19 13.24 -37.04
N ASP B 11 -25.86 12.94 -38.15
CA ASP B 11 -26.20 11.57 -38.48
C ASP B 11 -24.95 10.81 -38.92
N THR B 12 -24.60 9.76 -38.17
CA THR B 12 -23.47 8.90 -38.49
C THR B 12 -23.90 7.49 -38.86
N SER B 13 -25.20 7.26 -39.04
CA SER B 13 -25.71 5.90 -39.23
C SER B 13 -25.12 5.21 -40.46
N GLN B 14 -24.56 5.97 -41.41
CA GLN B 14 -24.01 5.39 -42.63
C GLN B 14 -22.49 5.44 -42.66
N VAL B 15 -21.85 5.62 -41.51
CA VAL B 15 -20.41 5.71 -41.42
C VAL B 15 -19.88 4.40 -40.85
N ILE B 16 -18.99 3.75 -41.60
CA ILE B 16 -18.26 2.57 -41.12
C ILE B 16 -16.89 3.05 -40.64
N LEU B 17 -16.59 2.83 -39.38
CA LEU B 17 -15.29 3.22 -38.87
C LEU B 17 -14.23 2.27 -39.43
N PRO B 18 -13.34 2.74 -40.29
CA PRO B 18 -12.33 1.85 -40.88
C PRO B 18 -11.58 1.10 -39.79
N PRO B 19 -11.25 -0.18 -40.02
CA PRO B 19 -10.56 -0.95 -38.99
C PRO B 19 -9.23 -0.37 -38.58
N HIS B 20 -8.61 0.46 -39.40
CA HIS B 20 -7.30 1.02 -39.09
C HIS B 20 -7.38 2.23 -38.16
N LEU B 21 -8.58 2.68 -37.81
CA LEU B 21 -8.76 3.75 -36.83
C LEU B 21 -9.20 3.21 -35.48
N GLU B 22 -9.38 1.89 -35.34
CA GLU B 22 -9.76 1.31 -34.07
C GLU B 22 -8.71 1.60 -32.99
N LYS B 23 -7.43 1.65 -33.38
CA LYS B 23 -6.37 1.92 -32.42
C LYS B 23 -6.51 3.33 -31.84
N ILE B 24 -6.42 4.34 -32.70
CA ILE B 24 -6.54 5.73 -32.25
C ILE B 24 -7.81 5.92 -31.43
N ARG B 25 -8.90 5.27 -31.85
CA ARG B 25 -10.15 5.36 -31.09
C ARG B 25 -9.95 4.90 -29.66
N ASP B 26 -9.15 3.84 -29.45
CA ASP B 26 -8.85 3.39 -28.11
C ASP B 26 -7.98 4.40 -27.37
N ARG B 27 -6.94 4.90 -28.03
CA ARG B 27 -6.11 5.94 -27.42
C ARG B 27 -6.95 7.13 -26.99
N LEU B 28 -7.91 7.54 -27.82
CA LEU B 28 -8.72 8.71 -27.52
C LEU B 28 -9.58 8.48 -26.27
N ALA B 29 -10.26 7.34 -26.21
CA ALA B 29 -11.11 7.05 -25.06
C ALA B 29 -10.31 7.08 -23.76
N GLU B 30 -9.07 6.58 -23.80
CA GLU B 30 -8.25 6.51 -22.60
C GLU B 30 -7.82 7.90 -22.13
N ASN B 31 -7.35 8.72 -23.06
CA ASN B 31 -6.88 10.06 -22.68
C ASN B 31 -8.03 10.90 -22.14
N ILE B 32 -9.18 10.88 -22.84
CA ILE B 32 -10.34 11.64 -22.35
C ILE B 32 -10.68 11.23 -20.93
N HIS B 33 -10.56 9.95 -20.62
CA HIS B 33 -10.86 9.49 -19.27
C HIS B 33 -9.89 10.09 -18.27
N GLU B 34 -8.59 10.09 -18.59
CA GLU B 34 -7.60 10.68 -17.70
C GLU B 34 -7.95 12.13 -17.39
N LEU B 35 -8.25 12.91 -18.43
CA LEU B 35 -8.65 14.30 -18.23
C LEU B 35 -9.85 14.40 -17.30
N TRP B 36 -10.84 13.54 -17.49
CA TRP B 36 -11.99 13.53 -16.59
C TRP B 36 -11.56 13.31 -15.15
N GLY B 37 -10.71 12.31 -14.91
CA GLY B 37 -10.22 12.08 -13.57
C GLY B 37 -9.45 13.26 -13.02
N MET B 38 -8.64 13.91 -13.86
CA MET B 38 -7.89 15.08 -13.41
C MET B 38 -8.82 16.19 -12.96
N ASN B 39 -9.96 16.35 -13.63
CA ASN B 39 -10.90 17.39 -13.28
C ASN B 39 -11.73 17.01 -12.06
N LYS B 40 -12.29 15.80 -12.05
CA LYS B 40 -13.03 15.33 -10.89
C LYS B 40 -12.18 15.44 -9.62
N ILE B 41 -10.89 15.13 -9.71
CA ILE B 41 -10.00 15.26 -8.57
C ILE B 41 -9.83 16.72 -8.18
N GLU B 42 -9.62 17.59 -9.18
CA GLU B 42 -9.52 19.02 -8.90
C GLU B 42 -10.84 19.61 -8.41
N LEU B 43 -11.93 18.84 -8.46
CA LEU B 43 -13.20 19.22 -7.84
C LEU B 43 -13.41 18.53 -6.49
N GLY B 44 -12.31 18.18 -5.82
CA GLY B 44 -12.40 17.55 -4.51
C GLY B 44 -12.83 16.11 -4.49
N TRP B 45 -12.99 15.49 -5.65
CA TRP B 45 -13.39 14.09 -5.70
C TRP B 45 -12.20 13.17 -5.39
N THR B 46 -12.49 12.03 -4.79
CA THR B 46 -11.46 11.07 -4.41
C THR B 46 -12.04 9.67 -4.55
N PHE B 47 -11.15 8.70 -4.81
CA PHE B 47 -11.59 7.35 -5.10
C PHE B 47 -12.46 6.79 -3.98
N GLY B 48 -13.49 6.05 -4.37
CA GLY B 48 -14.36 5.36 -3.44
C GLY B 48 -14.96 4.12 -4.09
N LYS B 49 -14.97 3.01 -3.35
CA LYS B 49 -15.51 1.77 -3.92
C LYS B 49 -16.95 1.94 -4.38
N ILE B 50 -17.70 2.82 -3.72
CA ILE B 50 -19.08 3.12 -4.07
C ILE B 50 -19.21 4.62 -4.29
N ARG B 51 -20.17 5.00 -5.14
CA ARG B 51 -20.40 6.41 -5.40
C ARG B 51 -21.11 7.07 -4.22
N ASP B 52 -20.54 8.17 -3.74
CA ASP B 52 -21.11 8.92 -2.62
C ASP B 52 -20.90 10.40 -2.89
N ASP B 53 -21.93 11.06 -3.44
CA ASP B 53 -21.82 12.48 -3.72
C ASP B 53 -21.50 13.28 -2.47
N ASN B 54 -22.09 12.89 -1.33
CA ASN B 54 -21.82 13.57 -0.07
C ASN B 54 -20.34 13.55 0.25
N LYS B 55 -19.79 12.37 0.53
CA LYS B 55 -18.35 12.25 0.78
C LYS B 55 -17.52 12.59 -0.45
N ARG B 56 -18.13 12.58 -1.64
CA ARG B 56 -17.44 12.87 -2.89
C ARG B 56 -16.38 11.80 -3.19
N GLN B 57 -16.86 10.56 -3.28
CA GLN B 57 -16.04 9.43 -3.68
C GLN B 57 -16.61 8.85 -4.97
N HIS B 58 -15.75 8.58 -5.94
CA HIS B 58 -16.18 8.10 -7.25
C HIS B 58 -15.52 6.76 -7.53
N PRO B 59 -16.29 5.70 -7.83
CA PRO B 59 -15.67 4.41 -8.16
C PRO B 59 -14.95 4.40 -9.48
N CYS B 60 -15.18 5.39 -10.35
CA CYS B 60 -14.59 5.42 -11.68
C CYS B 60 -13.25 6.15 -11.73
N LEU B 61 -12.68 6.50 -10.59
CA LEU B 61 -11.35 7.10 -10.55
C LEU B 61 -10.28 6.01 -10.55
N VAL B 62 -10.26 5.25 -11.65
CA VAL B 62 -9.36 4.13 -11.82
C VAL B 62 -8.75 4.21 -13.23
N GLU B 63 -7.85 3.28 -13.52
CA GLU B 63 -7.31 3.18 -14.87
C GLU B 63 -8.40 2.73 -15.84
N PHE B 64 -8.29 3.17 -17.08
CA PHE B 64 -9.33 2.89 -18.06
C PHE B 64 -9.67 1.40 -18.09
N SER B 65 -8.65 0.55 -18.14
CA SER B 65 -8.88 -0.89 -18.18
C SER B 65 -9.75 -1.35 -17.01
N LYS B 66 -9.51 -0.79 -15.82
CA LYS B 66 -10.21 -1.22 -14.62
C LYS B 66 -11.59 -0.59 -14.46
N LEU B 67 -12.13 0.03 -15.50
CA LEU B 67 -13.47 0.59 -15.39
C LEU B 67 -14.52 -0.51 -15.50
N PRO B 68 -15.66 -0.33 -14.84
CA PRO B 68 -16.77 -1.28 -15.04
C PRO B 68 -17.19 -1.29 -16.51
N GLU B 69 -17.43 -2.50 -17.04
CA GLU B 69 -17.72 -2.65 -18.46
C GLU B 69 -18.75 -1.62 -18.93
N THR B 70 -19.79 -1.38 -18.15
CA THR B 70 -20.83 -0.45 -18.55
C THR B 70 -20.24 0.93 -18.82
N GLU B 71 -19.61 1.54 -17.81
CA GLU B 71 -18.99 2.84 -18.01
C GLU B 71 -17.90 2.78 -19.07
N LYS B 72 -17.21 1.63 -19.19
CA LYS B 72 -16.14 1.52 -20.17
C LYS B 72 -16.68 1.51 -21.59
N ASN B 73 -17.65 0.64 -21.87
CA ASN B 73 -18.20 0.56 -23.22
C ASN B 73 -18.74 1.92 -23.68
N TYR B 74 -19.47 2.62 -22.81
CA TYR B 74 -20.01 3.92 -23.17
C TYR B 74 -18.89 4.85 -23.64
N ASN B 75 -17.78 4.88 -22.90
CA ASN B 75 -16.64 5.71 -23.30
C ASN B 75 -16.14 5.32 -24.69
N LEU B 76 -15.99 4.01 -24.94
CA LEU B 76 -15.57 3.57 -26.26
C LEU B 76 -16.58 3.94 -27.32
N GLN B 77 -17.87 3.84 -27.00
CA GLN B 77 -18.90 4.21 -27.97
C GLN B 77 -18.85 5.69 -28.30
N MET B 78 -18.71 6.55 -27.28
CA MET B 78 -18.59 7.98 -27.53
C MET B 78 -17.34 8.30 -28.34
N SER B 79 -16.25 7.58 -28.08
CA SER B 79 -15.06 7.74 -28.91
C SER B 79 -15.34 7.35 -30.36
N THR B 80 -16.03 6.23 -30.55
CA THR B 80 -16.40 5.82 -31.90
C THR B 80 -17.27 6.87 -32.57
N GLU B 81 -18.29 7.36 -31.86
CA GLU B 81 -19.15 8.39 -32.43
C GLU B 81 -18.41 9.69 -32.68
N THR B 82 -17.31 9.95 -31.96
CA THR B 82 -16.53 11.14 -32.24
C THR B 82 -15.76 10.99 -33.56
N LEU B 83 -15.26 9.79 -33.85
CA LEU B 83 -14.61 9.56 -35.13
C LEU B 83 -15.62 9.53 -36.26
N LYS B 84 -16.67 8.73 -36.13
CA LYS B 84 -17.70 8.67 -37.17
C LYS B 84 -18.28 10.05 -37.46
N THR B 85 -18.34 10.92 -36.46
CA THR B 85 -18.80 12.28 -36.71
C THR B 85 -17.79 13.05 -37.54
N LEU B 86 -16.50 12.96 -37.19
CA LEU B 86 -15.47 13.58 -38.01
C LEU B 86 -15.62 13.17 -39.47
N LEU B 87 -15.82 11.88 -39.71
CA LEU B 87 -15.99 11.40 -41.09
C LEU B 87 -17.29 11.91 -41.68
N ALA B 88 -18.37 11.90 -40.91
CA ALA B 88 -19.66 12.38 -41.41
C ALA B 88 -19.55 13.84 -41.86
N LEU B 89 -18.87 14.68 -41.08
CA LEU B 89 -18.69 16.08 -41.45
C LEU B 89 -17.79 16.24 -42.67
N GLY B 90 -17.18 15.17 -43.17
CA GLY B 90 -16.36 15.23 -44.35
C GLY B 90 -14.87 15.32 -44.11
N CYS B 91 -14.41 15.15 -42.87
CA CYS B 91 -12.99 15.17 -42.59
C CYS B 91 -12.34 13.86 -43.00
N HIS B 92 -11.06 13.93 -43.31
CA HIS B 92 -10.25 12.74 -43.57
C HIS B 92 -9.25 12.58 -42.44
N ILE B 93 -9.17 11.38 -41.89
CA ILE B 93 -8.25 11.05 -40.80
C ILE B 93 -7.15 10.21 -41.42
N ALA B 94 -5.99 10.81 -41.61
CA ALA B 94 -4.85 10.15 -42.25
C ALA B 94 -3.66 10.15 -41.30
N HIS B 95 -3.04 8.98 -41.15
CA HIS B 95 -1.82 8.85 -40.36
C HIS B 95 -0.65 9.31 -41.21
N VAL B 96 -0.02 10.41 -40.84
CA VAL B 96 1.03 11.02 -41.64
C VAL B 96 2.39 11.02 -40.94
N ASN B 97 2.45 10.74 -39.65
CA ASN B 97 3.71 10.70 -38.91
C ASN B 97 3.70 9.52 -37.94
N PRO B 98 4.30 8.39 -38.31
CA PRO B 98 4.35 7.25 -37.38
C PRO B 98 5.32 7.46 -36.22
N ALA B 99 6.16 8.49 -36.27
CA ALA B 99 7.14 8.74 -35.23
C ALA B 99 6.62 9.59 -34.08
N ALA B 100 5.48 10.26 -34.27
CA ALA B 100 4.98 11.17 -33.23
C ALA B 100 4.63 10.41 -31.96
N GLU B 101 4.11 9.19 -32.09
CA GLU B 101 3.66 8.45 -30.92
C GLU B 101 4.82 8.21 -29.94
N GLU B 102 6.01 7.91 -30.45
CA GLU B 102 7.15 7.69 -29.57
C GLU B 102 7.51 8.94 -28.79
N ASP B 103 7.42 10.11 -29.43
CA ASP B 103 7.70 11.38 -28.76
C ASP B 103 6.61 11.77 -27.76
N LEU B 104 5.59 10.94 -27.58
CA LEU B 104 4.51 11.27 -26.68
C LEU B 104 4.97 11.21 -25.22
N LYS B 105 4.38 12.07 -24.39
CA LYS B 105 4.76 12.16 -23.00
C LYS B 105 3.55 12.58 -22.18
N LYS B 106 3.31 11.87 -21.07
CA LYS B 106 2.19 12.18 -20.19
C LYS B 106 2.62 13.22 -19.15
N VAL B 107 1.65 14.02 -18.70
CA VAL B 107 1.93 15.06 -17.73
C VAL B 107 2.03 14.45 -16.34
N LYS B 108 3.05 14.84 -15.60
CA LYS B 108 3.27 14.34 -14.24
C LYS B 108 2.53 15.28 -13.28
N LEU B 109 1.33 14.87 -12.87
CA LEU B 109 0.58 15.66 -11.91
C LEU B 109 1.20 15.54 -10.53
N PRO B 110 1.04 16.56 -9.68
CA PRO B 110 1.60 16.51 -8.33
C PRO B 110 1.20 15.26 -7.56
N LYS B 111 1.84 15.04 -6.40
CA LYS B 111 1.66 13.79 -5.68
C LYS B 111 0.24 13.66 -5.14
N ASN B 112 -0.37 14.75 -4.71
CA ASN B 112 -1.68 14.70 -4.07
C ASN B 112 -2.77 14.23 -5.03
N TYR B 113 -2.42 14.04 -6.31
CA TYR B 113 -3.39 13.58 -7.30
C TYR B 113 -3.63 12.07 -7.26
N MET B 114 -2.89 11.33 -6.44
CA MET B 114 -3.08 9.89 -6.35
C MET B 114 -4.16 9.57 -5.31
N MET B 115 -5.01 8.60 -5.63
CA MET B 115 -6.15 8.26 -4.80
C MET B 115 -5.86 7.05 -3.93
N SER B 116 -6.85 6.66 -3.14
CA SER B 116 -6.73 5.45 -2.34
C SER B 116 -6.52 4.22 -3.22
N ASN B 117 -7.14 4.20 -4.40
CA ASN B 117 -7.00 3.09 -5.33
C ASN B 117 -5.60 3.02 -5.96
N GLY B 118 -4.73 3.98 -5.66
CA GLY B 118 -3.41 4.02 -6.26
C GLY B 118 -3.35 4.62 -7.64
N TYR B 119 -4.48 5.01 -8.21
CA TYR B 119 -4.53 5.55 -9.57
C TYR B 119 -4.28 7.04 -9.56
N LYS B 120 -3.31 7.49 -10.35
CA LYS B 120 -3.04 8.91 -10.55
C LYS B 120 -3.30 9.25 -12.01
N PRO B 121 -4.16 10.23 -12.31
CA PRO B 121 -4.39 10.60 -13.70
C PRO B 121 -3.10 10.97 -14.41
N ALA B 122 -2.93 10.48 -15.63
CA ALA B 122 -1.74 10.74 -16.44
C ALA B 122 -2.15 11.10 -17.86
N PRO B 123 -2.84 12.23 -18.04
CA PRO B 123 -3.24 12.64 -19.38
C PRO B 123 -2.03 13.05 -20.22
N LEU B 124 -2.19 12.93 -21.53
CA LEU B 124 -1.11 13.28 -22.45
C LEU B 124 -0.81 14.77 -22.37
N ASP B 125 0.48 15.11 -22.46
CA ASP B 125 0.92 16.51 -22.46
C ASP B 125 0.87 17.03 -23.88
N LEU B 126 -0.35 17.36 -24.32
CA LEU B 126 -0.57 17.92 -25.66
C LEU B 126 -0.41 19.43 -25.68
N SER B 127 0.38 19.98 -24.75
CA SER B 127 0.50 21.44 -24.65
C SER B 127 1.13 22.03 -25.90
N ASP B 128 2.09 21.32 -26.50
CA ASP B 128 2.79 21.85 -27.67
C ASP B 128 1.95 21.80 -28.94
N VAL B 129 0.80 21.13 -28.93
CA VAL B 129 -0.05 21.03 -30.11
C VAL B 129 -0.96 22.25 -30.13
N LYS B 130 -0.76 23.13 -31.10
CA LYS B 130 -1.60 24.30 -31.30
C LYS B 130 -2.52 24.05 -32.49
N LEU B 131 -3.80 24.35 -32.32
CA LEU B 131 -4.80 24.07 -33.35
C LEU B 131 -4.93 25.25 -34.31
N LEU B 132 -5.07 24.92 -35.59
CA LEU B 132 -5.25 25.92 -36.62
C LEU B 132 -6.67 26.51 -36.54
N PRO B 133 -6.87 27.69 -37.11
CA PRO B 133 -8.20 28.32 -37.08
C PRO B 133 -9.27 27.39 -37.58
N PRO B 134 -9.07 26.75 -38.74
CA PRO B 134 -10.10 25.82 -39.25
C PRO B 134 -10.37 24.65 -38.32
N GLN B 135 -9.36 24.21 -37.58
CA GLN B 135 -9.54 23.10 -36.63
C GLN B 135 -10.26 23.53 -35.36
N GLU B 136 -10.19 24.82 -35.00
CA GLU B 136 -10.91 25.29 -33.83
C GLU B 136 -12.42 25.32 -34.08
N ILE B 137 -12.83 25.64 -35.31
CA ILE B 137 -14.25 25.56 -35.65
C ILE B 137 -14.74 24.13 -35.55
N LEU B 138 -13.92 23.18 -36.03
CA LEU B 138 -14.28 21.77 -35.93
C LEU B 138 -14.53 21.37 -34.48
N VAL B 139 -13.63 21.78 -33.57
CA VAL B 139 -13.83 21.48 -32.15
C VAL B 139 -15.16 22.01 -31.66
N ASP B 140 -15.44 23.30 -31.96
CA ASP B 140 -16.70 23.89 -31.55
C ASP B 140 -17.89 23.04 -31.99
N LYS B 141 -17.90 22.64 -33.26
CA LYS B 141 -18.98 21.79 -33.75
C LYS B 141 -19.02 20.48 -33.00
N LEU B 142 -17.87 19.80 -32.89
CA LEU B 142 -17.80 18.57 -32.12
C LEU B 142 -18.32 18.76 -30.71
N ALA B 143 -17.91 19.85 -30.06
CA ALA B 143 -18.36 20.13 -28.70
C ALA B 143 -19.88 20.20 -28.63
N GLU B 144 -20.49 21.06 -29.45
CA GLU B 144 -21.94 21.18 -29.44
C GLU B 144 -22.60 19.85 -29.80
N ASN B 145 -22.12 19.19 -30.85
CA ASN B 145 -22.71 17.92 -31.25
C ASN B 145 -22.61 16.89 -30.14
N ALA B 146 -21.45 16.82 -29.47
CA ALA B 146 -21.29 15.90 -28.36
C ALA B 146 -22.43 16.07 -27.35
N HIS B 147 -22.72 17.33 -26.98
CA HIS B 147 -23.81 17.58 -26.05
C HIS B 147 -25.13 17.03 -26.58
N ASN B 148 -25.35 17.09 -27.89
CA ASN B 148 -26.56 16.52 -28.47
C ASN B 148 -26.55 15.00 -28.37
N VAL B 149 -25.41 14.38 -28.67
CA VAL B 149 -25.29 12.93 -28.51
C VAL B 149 -25.60 12.54 -27.08
N TRP B 150 -24.91 13.16 -26.12
CA TRP B 150 -25.17 12.89 -24.71
C TRP B 150 -26.64 13.12 -24.37
N ALA B 151 -27.17 14.30 -24.72
CA ALA B 151 -28.55 14.61 -24.38
C ALA B 151 -29.52 13.58 -24.94
N LYS B 152 -29.29 13.12 -26.17
CA LYS B 152 -30.17 12.13 -26.77
C LYS B 152 -30.13 10.82 -25.99
N ASP B 153 -28.92 10.36 -25.65
CA ASP B 153 -28.79 9.12 -24.90
C ASP B 153 -29.51 9.21 -23.55
N ARG B 154 -29.20 10.24 -22.76
CA ARG B 154 -29.87 10.39 -21.47
C ARG B 154 -31.38 10.46 -21.63
N ILE B 155 -31.87 11.07 -22.70
CA ILE B 155 -33.31 11.13 -22.92
C ILE B 155 -33.87 9.73 -23.18
N LYS B 156 -33.20 8.96 -24.02
CA LYS B 156 -33.68 7.62 -24.35
C LYS B 156 -33.67 6.71 -23.11
N GLN B 157 -32.80 6.97 -22.15
CA GLN B 157 -32.73 6.18 -20.93
C GLN B 157 -33.69 6.65 -19.85
N GLY B 158 -34.54 7.64 -20.16
CA GLY B 158 -35.54 8.12 -19.23
C GLY B 158 -35.21 9.39 -18.50
N TRP B 159 -34.04 9.99 -18.73
CA TRP B 159 -33.67 11.21 -18.06
C TRP B 159 -34.56 12.37 -18.52
N THR B 160 -34.62 13.40 -17.70
CA THR B 160 -35.43 14.58 -17.98
C THR B 160 -34.80 15.78 -17.29
N TYR B 161 -35.16 16.97 -17.75
CA TYR B 161 -34.64 18.18 -17.14
C TYR B 161 -35.15 18.32 -15.71
N GLY B 162 -34.31 18.93 -14.87
CA GLY B 162 -34.70 19.27 -13.52
C GLY B 162 -33.73 20.29 -12.96
N ILE B 163 -34.24 21.19 -12.13
CA ILE B 163 -33.39 22.24 -11.57
C ILE B 163 -32.23 21.62 -10.79
N GLN B 164 -32.49 20.53 -10.07
CA GLN B 164 -31.48 19.83 -9.30
C GLN B 164 -31.29 18.42 -9.87
N GLN B 165 -30.04 18.01 -9.99
CA GLN B 165 -29.71 16.69 -10.54
C GLN B 165 -30.17 15.62 -9.54
N ASP B 166 -31.14 14.81 -9.95
CA ASP B 166 -31.64 13.70 -9.14
C ASP B 166 -31.40 12.41 -9.91
N LEU B 167 -30.25 11.76 -9.67
CA LEU B 167 -30.01 10.44 -10.23
C LEU B 167 -31.08 9.44 -9.79
N LYS B 168 -31.82 9.76 -8.73
CA LYS B 168 -32.96 8.94 -8.33
C LYS B 168 -34.04 8.95 -9.41
N ASN B 169 -34.53 10.14 -9.76
CA ASN B 169 -35.60 10.30 -10.73
C ASN B 169 -35.08 10.56 -12.15
N LYS B 170 -33.80 10.32 -12.41
CA LYS B 170 -33.19 10.63 -13.69
C LYS B 170 -33.42 12.10 -14.04
N ARG B 171 -32.96 12.96 -13.14
CA ARG B 171 -33.08 14.41 -13.28
C ARG B 171 -31.70 15.01 -13.52
N ASN B 172 -31.62 15.92 -14.49
CA ASN B 172 -30.37 16.56 -14.83
C ASN B 172 -30.63 17.99 -15.30
N PRO B 173 -30.05 18.99 -14.64
CA PRO B 173 -30.28 20.39 -15.06
C PRO B 173 -29.63 20.73 -16.40
N ARG B 174 -28.69 19.90 -16.88
CA ARG B 174 -27.98 20.18 -18.12
C ARG B 174 -28.72 19.68 -19.36
N LEU B 175 -29.89 19.07 -19.20
CA LEU B 175 -30.68 18.58 -20.34
C LEU B 175 -31.46 19.73 -20.97
N VAL B 176 -30.72 20.58 -21.68
CA VAL B 176 -31.30 21.75 -22.34
C VAL B 176 -30.57 22.00 -23.63
N PRO B 177 -31.18 22.79 -24.53
CA PRO B 177 -30.50 23.08 -25.79
C PRO B 177 -29.16 23.76 -25.55
N TYR B 178 -28.20 23.49 -26.43
CA TYR B 178 -26.86 24.03 -26.27
C TYR B 178 -26.88 25.53 -25.97
N ALA B 179 -27.79 26.26 -26.63
CA ALA B 179 -27.80 27.71 -26.49
C ALA B 179 -28.14 28.15 -25.08
N LEU B 180 -28.97 27.39 -24.37
CA LEU B 180 -29.37 27.74 -23.01
C LEU B 180 -28.39 27.24 -21.96
N LEU B 181 -27.48 26.34 -22.32
CA LEU B 181 -26.53 25.79 -21.36
C LEU B 181 -25.57 26.88 -20.88
N ASP B 182 -25.18 26.80 -19.60
CA ASP B 182 -24.27 27.78 -19.05
C ASP B 182 -22.92 27.73 -19.78
N GLU B 183 -22.32 28.90 -19.97
CA GLU B 183 -21.07 28.98 -20.73
C GLU B 183 -19.93 28.24 -20.05
N ARG B 184 -19.95 28.15 -18.71
CA ARG B 184 -18.90 27.43 -18.01
C ARG B 184 -18.83 25.99 -18.48
N THR B 185 -19.97 25.29 -18.50
CA THR B 185 -19.98 23.90 -18.92
C THR B 185 -19.63 23.76 -20.41
N LYS B 186 -20.06 24.73 -21.23
CA LYS B 186 -19.77 24.64 -22.65
C LYS B 186 -18.27 24.73 -22.92
N LYS B 187 -17.58 25.65 -22.25
CA LYS B 187 -16.13 25.70 -22.42
C LYS B 187 -15.46 24.44 -21.91
N SER B 188 -15.96 23.87 -20.81
CA SER B 188 -15.36 22.66 -20.27
C SER B 188 -15.45 21.50 -21.25
N ASN B 189 -16.63 21.31 -21.86
CA ASN B 189 -16.77 20.27 -22.88
C ASN B 189 -15.98 20.63 -24.14
N ARG B 190 -15.97 21.91 -24.50
CA ARG B 190 -15.19 22.34 -25.66
C ARG B 190 -13.72 22.06 -25.44
N ASP B 191 -13.19 22.41 -24.26
CA ASP B 191 -11.79 22.11 -23.95
C ASP B 191 -11.52 20.62 -24.04
N SER B 192 -12.46 19.80 -23.56
CA SER B 192 -12.28 18.34 -23.63
C SER B 192 -12.13 17.90 -25.08
N LEU B 193 -13.01 18.37 -25.96
CA LEU B 193 -12.95 17.94 -27.36
C LEU B 193 -11.77 18.55 -28.09
N ARG B 194 -11.34 19.75 -27.71
CA ARG B 194 -10.10 20.28 -28.26
C ARG B 194 -8.94 19.35 -27.94
N GLU B 195 -8.90 18.83 -26.71
CA GLU B 195 -7.86 17.89 -26.35
C GLU B 195 -7.97 16.60 -27.17
N ALA B 196 -9.19 16.20 -27.52
CA ALA B 196 -9.37 15.03 -28.36
C ALA B 196 -8.75 15.24 -29.74
N VAL B 197 -9.03 16.39 -30.36
CA VAL B 197 -8.43 16.71 -31.65
C VAL B 197 -6.91 16.72 -31.54
N ARG B 198 -6.38 17.31 -30.46
CA ARG B 198 -4.94 17.29 -30.24
C ARG B 198 -4.42 15.88 -30.07
N THR B 199 -5.23 14.98 -29.50
CA THR B 199 -4.81 13.60 -29.36
C THR B 199 -4.45 12.98 -30.70
N PHE B 200 -5.24 13.27 -31.74
CA PHE B 200 -4.90 12.79 -33.07
C PHE B 200 -3.53 13.31 -33.50
N VAL B 201 -3.36 14.63 -33.50
CA VAL B 201 -2.07 15.22 -33.86
C VAL B 201 -0.94 14.58 -33.06
N GLY B 202 -1.16 14.41 -31.75
CA GLY B 202 -0.14 13.80 -30.91
C GLY B 202 0.25 12.41 -31.36
N TYR B 203 -0.67 11.69 -32.01
CA TYR B 203 -0.41 10.35 -32.52
C TYR B 203 -0.01 10.36 -33.99
N GLY B 204 0.17 11.53 -34.59
CA GLY B 204 0.57 11.64 -35.97
C GLY B 204 -0.57 11.77 -36.95
N TYR B 205 -1.80 11.46 -36.54
CA TYR B 205 -2.93 11.59 -37.44
C TYR B 205 -3.20 13.06 -37.75
N ASN B 206 -3.68 13.30 -38.97
CA ASN B 206 -4.04 14.63 -39.43
C ASN B 206 -5.53 14.68 -39.71
N ILE B 207 -6.22 15.65 -39.12
CA ILE B 207 -7.65 15.84 -39.31
C ILE B 207 -7.82 16.95 -40.34
N GLU B 208 -8.02 16.57 -41.60
CA GLU B 208 -8.20 17.53 -42.67
C GLU B 208 -9.68 17.65 -43.00
N PRO B 209 -10.33 18.78 -42.69
CA PRO B 209 -11.76 18.98 -42.95
C PRO B 209 -12.07 19.14 -44.45
N SER C 4 -4.51 -15.74 -41.06
CA SER C 4 -5.86 -16.12 -40.67
C SER C 4 -5.87 -16.78 -39.30
N PHE C 5 -5.55 -16.00 -38.27
CA PHE C 5 -5.54 -16.46 -36.88
C PHE C 5 -6.70 -15.81 -36.15
N ILE C 6 -7.58 -16.63 -35.60
CA ILE C 6 -8.75 -16.12 -34.88
C ILE C 6 -8.80 -16.76 -33.49
N PRO C 7 -8.02 -16.26 -32.53
CA PRO C 7 -8.04 -16.86 -31.20
C PRO C 7 -9.36 -16.63 -30.48
N CYS C 8 -10.18 -17.67 -30.37
CA CYS C 8 -11.45 -17.59 -29.65
C CYS C 8 -11.34 -18.38 -28.35
N PRO C 9 -10.98 -17.75 -27.25
CA PRO C 9 -10.86 -18.47 -25.98
C PRO C 9 -12.23 -18.81 -25.40
N VAL C 10 -12.21 -19.71 -24.42
CA VAL C 10 -13.44 -20.09 -23.72
C VAL C 10 -14.04 -18.88 -23.04
N ASP C 11 -15.32 -18.62 -23.31
CA ASP C 11 -16.00 -17.47 -22.74
C ASP C 11 -16.08 -17.62 -21.22
N THR C 12 -15.55 -16.64 -20.49
CA THR C 12 -15.55 -16.66 -19.03
C THR C 12 -16.15 -15.40 -18.43
N SER C 13 -16.82 -14.57 -19.24
CA SER C 13 -17.35 -13.31 -18.74
C SER C 13 -18.49 -13.52 -17.76
N GLN C 14 -19.41 -14.43 -18.07
CA GLN C 14 -20.58 -14.67 -17.23
C GLN C 14 -20.29 -15.62 -16.08
N VAL C 15 -19.05 -16.03 -15.88
CA VAL C 15 -18.68 -16.95 -14.80
C VAL C 15 -18.24 -16.14 -13.59
N ILE C 16 -18.84 -16.45 -12.43
CA ILE C 16 -18.46 -15.85 -11.16
C ILE C 16 -17.79 -16.91 -10.32
N LEU C 17 -16.61 -16.60 -9.78
CA LEU C 17 -15.87 -17.56 -8.97
C LEU C 17 -16.61 -17.80 -7.67
N PRO C 18 -17.13 -19.00 -7.42
CA PRO C 18 -17.79 -19.28 -6.14
C PRO C 18 -16.90 -18.86 -4.98
N PRO C 19 -17.47 -18.25 -3.95
CA PRO C 19 -16.64 -17.77 -2.83
C PRO C 19 -15.79 -18.87 -2.20
N HIS C 20 -16.22 -20.13 -2.26
CA HIS C 20 -15.48 -21.21 -1.63
C HIS C 20 -14.26 -21.64 -2.42
N LEU C 21 -14.02 -21.04 -3.58
CA LEU C 21 -12.81 -21.27 -4.35
C LEU C 21 -11.88 -20.07 -4.37
N GLU C 22 -12.21 -19.02 -3.61
CA GLU C 22 -11.35 -17.84 -3.56
C GLU C 22 -9.99 -18.17 -2.96
N LYS C 23 -9.99 -18.91 -1.84
CA LYS C 23 -8.74 -19.25 -1.18
C LYS C 23 -7.85 -20.08 -2.09
N ILE C 24 -8.39 -21.16 -2.65
CA ILE C 24 -7.60 -22.05 -3.50
C ILE C 24 -6.97 -21.26 -4.65
N ARG C 25 -7.72 -20.30 -5.21
CA ARG C 25 -7.16 -19.45 -6.25
C ARG C 25 -6.00 -18.61 -5.71
N ASP C 26 -6.03 -18.27 -4.42
CA ASP C 26 -4.93 -17.52 -3.83
C ASP C 26 -3.73 -18.43 -3.53
N ARG C 27 -3.98 -19.63 -3.01
CA ARG C 27 -2.89 -20.59 -2.81
C ARG C 27 -2.21 -20.91 -4.13
N LEU C 28 -3.00 -21.09 -5.20
CA LEU C 28 -2.44 -21.43 -6.50
C LEU C 28 -1.54 -20.31 -7.02
N ALA C 29 -2.04 -19.07 -7.01
CA ALA C 29 -1.24 -17.95 -7.46
C ALA C 29 0.07 -17.85 -6.69
N GLU C 30 0.06 -18.21 -5.41
CA GLU C 30 1.28 -18.15 -4.61
C GLU C 30 2.26 -19.24 -5.01
N ASN C 31 1.79 -20.50 -5.07
CA ASN C 31 2.68 -21.58 -5.47
C ASN C 31 3.16 -21.43 -6.90
N ILE C 32 2.31 -20.89 -7.78
CA ILE C 32 2.75 -20.61 -9.15
C ILE C 32 3.92 -19.65 -9.15
N HIS C 33 3.82 -18.58 -8.34
CA HIS C 33 4.91 -17.62 -8.25
C HIS C 33 6.16 -18.27 -7.66
N GLU C 34 5.99 -19.11 -6.65
CA GLU C 34 7.14 -19.76 -6.02
C GLU C 34 7.90 -20.63 -7.03
N LEU C 35 7.16 -21.27 -7.94
CA LEU C 35 7.83 -22.02 -9.00
C LEU C 35 8.54 -21.12 -9.99
N TRP C 36 7.97 -19.94 -10.26
CA TRP C 36 8.63 -18.99 -11.15
C TRP C 36 9.96 -18.51 -10.58
N GLY C 37 9.97 -18.19 -9.27
CA GLY C 37 11.21 -17.74 -8.66
C GLY C 37 12.29 -18.79 -8.68
N MET C 38 11.92 -20.05 -8.44
CA MET C 38 12.91 -21.12 -8.46
C MET C 38 13.52 -21.29 -9.85
N ASN C 39 12.68 -21.28 -10.88
CA ASN C 39 13.19 -21.41 -12.24
C ASN C 39 14.17 -20.29 -12.56
N LYS C 40 13.77 -19.05 -12.33
CA LYS C 40 14.67 -17.91 -12.57
C LYS C 40 15.96 -18.06 -11.78
N ILE C 41 15.86 -18.45 -10.51
CA ILE C 41 17.06 -18.60 -9.68
C ILE C 41 17.95 -19.70 -10.24
N GLU C 42 17.35 -20.81 -10.68
CA GLU C 42 18.14 -21.87 -11.29
C GLU C 42 18.87 -21.40 -12.54
N LEU C 43 18.41 -20.32 -13.17
CA LEU C 43 18.99 -19.79 -14.40
C LEU C 43 19.89 -18.60 -14.14
N GLY C 44 20.46 -18.48 -12.94
CA GLY C 44 21.37 -17.40 -12.65
C GLY C 44 20.75 -16.03 -12.53
N TRP C 45 19.50 -15.96 -12.08
CA TRP C 45 18.80 -14.69 -11.88
C TRP C 45 18.91 -14.26 -10.42
N THR C 46 18.87 -12.94 -10.20
CA THR C 46 18.96 -12.36 -8.88
C THR C 46 18.06 -11.14 -8.82
N PHE C 47 17.78 -10.70 -7.60
CA PHE C 47 16.88 -9.57 -7.41
C PHE C 47 17.52 -8.26 -7.85
N GLY C 48 16.68 -7.32 -8.26
CA GLY C 48 17.15 -6.00 -8.63
C GLY C 48 16.00 -5.01 -8.60
N LYS C 49 16.34 -3.74 -8.35
CA LYS C 49 15.31 -2.71 -8.29
C LYS C 49 14.64 -2.52 -9.65
N ILE C 50 15.38 -2.70 -10.73
CA ILE C 50 14.86 -2.56 -12.08
C ILE C 50 15.29 -3.77 -12.90
N ARG C 51 14.45 -4.14 -13.86
CA ARG C 51 14.72 -5.32 -14.68
C ARG C 51 15.89 -5.05 -15.62
N ASP C 52 16.96 -5.83 -15.47
CA ASP C 52 18.13 -5.74 -16.34
C ASP C 52 18.44 -7.14 -16.86
N ASP C 53 18.14 -7.39 -18.14
CA ASP C 53 18.30 -8.72 -18.70
C ASP C 53 19.76 -9.16 -18.76
N ASN C 54 20.70 -8.22 -18.72
CA ASN C 54 22.11 -8.57 -18.83
C ASN C 54 22.65 -9.10 -17.51
N LYS C 55 22.50 -8.33 -16.42
CA LYS C 55 22.92 -8.80 -15.11
C LYS C 55 22.02 -9.89 -14.55
N ARG C 56 20.89 -10.15 -15.21
CA ARG C 56 19.93 -11.16 -14.74
C ARG C 56 19.33 -10.77 -13.40
N GLN C 57 18.77 -9.56 -13.35
CA GLN C 57 18.15 -9.01 -12.15
C GLN C 57 16.69 -8.71 -12.44
N HIS C 58 15.81 -9.23 -11.58
CA HIS C 58 14.37 -9.08 -11.76
C HIS C 58 13.77 -8.48 -10.49
N PRO C 59 12.95 -7.43 -10.60
CA PRO C 59 12.37 -6.82 -9.40
C PRO C 59 11.34 -7.71 -8.70
N CYS C 60 10.93 -8.81 -9.30
CA CYS C 60 9.86 -9.64 -8.75
C CYS C 60 10.38 -10.84 -7.97
N LEU C 61 11.69 -10.98 -7.81
CA LEU C 61 12.24 -12.06 -6.97
C LEU C 61 12.08 -11.70 -5.49
N VAL C 62 10.81 -11.56 -5.09
CA VAL C 62 10.43 -11.16 -3.74
C VAL C 62 9.22 -11.98 -3.32
N GLU C 63 8.96 -11.99 -2.01
CA GLU C 63 7.82 -12.73 -1.48
C GLU C 63 6.53 -12.25 -2.14
N PHE C 64 5.57 -13.17 -2.25
CA PHE C 64 4.34 -12.87 -2.97
C PHE C 64 3.65 -11.64 -2.40
N SER C 65 3.59 -11.53 -1.07
CA SER C 65 2.96 -10.36 -0.46
C SER C 65 3.67 -9.07 -0.84
N LYS C 66 5.00 -9.12 -0.98
CA LYS C 66 5.80 -7.94 -1.28
C LYS C 66 5.85 -7.60 -2.77
N LEU C 67 5.05 -8.27 -3.59
CA LEU C 67 5.05 -7.94 -5.02
C LEU C 67 4.30 -6.64 -5.27
N PRO C 68 4.68 -5.91 -6.33
CA PRO C 68 3.90 -4.73 -6.70
C PRO C 68 2.48 -5.13 -7.06
N GLU C 69 1.52 -4.28 -6.69
CA GLU C 69 0.11 -4.58 -6.93
C GLU C 69 -0.18 -4.87 -8.39
N THR C 70 0.69 -4.43 -9.30
CA THR C 70 0.49 -4.73 -10.72
C THR C 70 0.77 -6.20 -11.01
N GLU C 71 1.96 -6.69 -10.65
CA GLU C 71 2.28 -8.09 -10.86
C GLU C 71 1.55 -8.99 -9.87
N LYS C 72 1.26 -8.48 -8.67
CA LYS C 72 0.49 -9.27 -7.71
C LYS C 72 -0.92 -9.53 -8.21
N ASN C 73 -1.55 -8.52 -8.82
CA ASN C 73 -2.90 -8.68 -9.36
C ASN C 73 -2.91 -9.43 -10.68
N TYR C 74 -1.79 -9.45 -11.42
CA TYR C 74 -1.72 -10.24 -12.64
C TYR C 74 -1.61 -11.72 -12.34
N ASN C 75 -0.81 -12.08 -11.33
CA ASN C 75 -0.74 -13.47 -10.89
C ASN C 75 -2.11 -13.98 -10.48
N LEU C 76 -2.85 -13.18 -9.71
CA LEU C 76 -4.18 -13.58 -9.27
C LEU C 76 -5.18 -13.63 -10.42
N GLN C 77 -4.89 -12.97 -11.54
CA GLN C 77 -5.79 -13.04 -12.70
C GLN C 77 -5.59 -14.34 -13.45
N MET C 78 -4.34 -14.70 -13.74
CA MET C 78 -4.07 -15.97 -14.41
C MET C 78 -4.64 -17.13 -13.61
N SER C 79 -4.51 -17.08 -12.28
CA SER C 79 -5.08 -18.13 -11.43
C SER C 79 -6.61 -18.11 -11.51
N THR C 80 -7.21 -16.93 -11.43
CA THR C 80 -8.65 -16.83 -11.55
C THR C 80 -9.12 -17.28 -12.93
N GLU C 81 -8.50 -16.75 -13.98
CA GLU C 81 -8.87 -17.16 -15.33
C GLU C 81 -8.75 -18.66 -15.51
N THR C 82 -7.73 -19.28 -14.89
CA THR C 82 -7.59 -20.73 -14.95
C THR C 82 -8.79 -21.42 -14.31
N LEU C 83 -9.18 -20.96 -13.12
CA LEU C 83 -10.31 -21.58 -12.42
C LEU C 83 -11.62 -21.32 -13.15
N LYS C 84 -11.84 -20.07 -13.57
CA LYS C 84 -13.06 -19.76 -14.32
C LYS C 84 -13.12 -20.57 -15.61
N THR C 85 -11.97 -20.78 -16.26
CA THR C 85 -11.96 -21.58 -17.48
C THR C 85 -12.37 -23.02 -17.20
N LEU C 86 -11.81 -23.61 -16.13
CA LEU C 86 -12.20 -24.96 -15.76
C LEU C 86 -13.71 -25.05 -15.55
N LEU C 87 -14.27 -24.15 -14.75
CA LEU C 87 -15.71 -24.17 -14.51
C LEU C 87 -16.49 -24.03 -15.82
N ALA C 88 -15.99 -23.20 -16.74
CA ALA C 88 -16.67 -23.02 -18.02
C ALA C 88 -16.53 -24.22 -18.94
N LEU C 89 -15.61 -25.15 -18.65
CA LEU C 89 -15.44 -26.37 -19.42
C LEU C 89 -16.26 -27.52 -18.88
N GLY C 90 -17.30 -27.25 -18.08
CA GLY C 90 -18.15 -28.27 -17.54
C GLY C 90 -17.54 -29.11 -16.44
N CYS C 91 -16.29 -28.85 -16.06
CA CYS C 91 -15.66 -29.62 -14.99
C CYS C 91 -16.29 -29.28 -13.65
N HIS C 92 -16.34 -30.28 -12.78
CA HIS C 92 -16.89 -30.13 -11.43
C HIS C 92 -15.75 -30.12 -10.44
N ILE C 93 -15.51 -28.98 -9.81
CA ILE C 93 -14.43 -28.80 -8.85
C ILE C 93 -15.03 -28.88 -7.46
N ALA C 94 -14.52 -29.80 -6.64
CA ALA C 94 -15.03 -29.99 -5.29
C ALA C 94 -13.91 -30.48 -4.39
N HIS C 95 -13.97 -30.07 -3.13
CA HIS C 95 -12.99 -30.47 -2.14
C HIS C 95 -13.30 -31.90 -1.68
N VAL C 96 -12.38 -32.81 -1.89
CA VAL C 96 -12.58 -34.24 -1.64
C VAL C 96 -11.83 -34.71 -0.40
N ASN C 97 -10.57 -34.32 -0.27
CA ASN C 97 -9.72 -34.74 0.85
C ASN C 97 -9.19 -33.50 1.56
N PRO C 98 -10.02 -32.84 2.38
CA PRO C 98 -9.53 -31.67 3.11
C PRO C 98 -8.34 -31.96 4.00
N ALA C 99 -8.21 -33.20 4.48
CA ALA C 99 -7.06 -33.57 5.29
C ALA C 99 -5.75 -33.51 4.51
N ALA C 100 -5.82 -33.45 3.17
CA ALA C 100 -4.60 -33.35 2.38
C ALA C 100 -3.93 -31.99 2.55
N GLU C 101 -4.72 -30.92 2.70
CA GLU C 101 -4.12 -29.61 2.90
C GLU C 101 -3.27 -29.56 4.16
N GLU C 102 -3.65 -30.33 5.19
CA GLU C 102 -2.83 -30.39 6.40
C GLU C 102 -1.55 -31.19 6.16
N ASP C 103 -1.63 -32.24 5.35
CA ASP C 103 -0.49 -33.07 5.02
C ASP C 103 0.26 -32.58 3.79
N LEU C 104 0.25 -31.28 3.53
CA LEU C 104 0.92 -30.68 2.38
C LEU C 104 2.13 -29.90 2.87
N LYS C 105 3.31 -30.30 2.43
CA LYS C 105 4.57 -29.69 2.86
C LYS C 105 5.27 -29.05 1.67
N LYS C 106 6.09 -28.04 1.96
CA LYS C 106 6.84 -27.33 0.95
C LYS C 106 8.23 -27.93 0.76
N VAL C 107 8.87 -27.56 -0.34
CA VAL C 107 10.21 -28.03 -0.65
C VAL C 107 11.22 -27.09 -0.01
N LYS C 108 12.22 -27.66 0.67
CA LYS C 108 13.28 -26.88 1.30
C LYS C 108 14.48 -26.90 0.35
N LEU C 109 14.51 -25.91 -0.55
CA LEU C 109 15.61 -25.79 -1.49
C LEU C 109 16.91 -25.48 -0.76
N PRO C 110 18.05 -25.74 -1.38
CA PRO C 110 19.34 -25.41 -0.77
C PRO C 110 19.43 -23.93 -0.44
N LYS C 111 20.50 -23.59 0.31
CA LYS C 111 20.67 -22.21 0.78
C LYS C 111 21.05 -21.29 -0.37
N ASN C 112 21.63 -21.83 -1.43
CA ASN C 112 22.05 -21.04 -2.59
C ASN C 112 20.86 -20.41 -3.32
N TYR C 113 19.64 -20.69 -2.87
CA TYR C 113 18.43 -20.20 -3.53
C TYR C 113 17.87 -18.90 -2.93
N MET C 114 18.52 -18.34 -1.92
CA MET C 114 18.07 -17.09 -1.33
C MET C 114 18.77 -15.91 -1.99
N MET C 115 18.03 -14.84 -2.19
CA MET C 115 18.54 -13.65 -2.84
C MET C 115 19.08 -12.65 -1.81
N SER C 116 19.63 -11.54 -2.29
CA SER C 116 20.14 -10.52 -1.39
C SER C 116 19.05 -9.86 -0.56
N ASN C 117 17.78 -10.10 -0.89
CA ASN C 117 16.66 -9.54 -0.14
C ASN C 117 16.05 -10.56 0.83
N GLY C 118 16.65 -11.74 0.96
CA GLY C 118 16.18 -12.75 1.88
C GLY C 118 15.08 -13.63 1.34
N TYR C 119 14.51 -13.31 0.18
CA TYR C 119 13.47 -14.14 -0.40
C TYR C 119 14.05 -15.43 -0.97
N LYS C 120 13.51 -16.56 -0.53
CA LYS C 120 13.88 -17.86 -1.08
C LYS C 120 12.60 -18.60 -1.45
N PRO C 121 12.46 -19.09 -2.68
CA PRO C 121 11.24 -19.80 -3.07
C PRO C 121 11.03 -21.03 -2.19
N ALA C 122 9.74 -21.36 -1.98
CA ALA C 122 9.36 -22.54 -1.20
C ALA C 122 8.14 -23.18 -1.83
N PRO C 123 8.28 -23.68 -3.07
CA PRO C 123 7.13 -24.27 -3.75
C PRO C 123 6.64 -25.53 -3.05
N LEU C 124 5.33 -25.76 -3.16
CA LEU C 124 4.74 -26.98 -2.64
C LEU C 124 5.38 -28.20 -3.30
N ASP C 125 5.71 -29.21 -2.49
CA ASP C 125 6.24 -30.46 -3.01
C ASP C 125 5.06 -31.31 -3.47
N LEU C 126 4.75 -31.24 -4.76
CA LEU C 126 3.70 -32.05 -5.36
C LEU C 126 4.23 -33.35 -5.95
N SER C 127 5.29 -33.90 -5.37
CA SER C 127 5.94 -35.07 -5.94
C SER C 127 5.01 -36.28 -5.97
N ASP C 128 4.27 -36.50 -4.88
CA ASP C 128 3.36 -37.63 -4.79
C ASP C 128 2.02 -37.39 -5.49
N VAL C 129 1.93 -36.36 -6.32
CA VAL C 129 0.70 -36.00 -7.01
C VAL C 129 0.92 -36.26 -8.49
N LYS C 130 0.45 -37.42 -8.96
CA LYS C 130 0.53 -37.81 -10.36
C LYS C 130 -0.85 -37.73 -11.00
N LEU C 131 -0.94 -37.11 -12.17
CA LEU C 131 -2.21 -36.90 -12.83
C LEU C 131 -2.56 -38.06 -13.75
N LEU C 132 -3.85 -38.29 -13.92
CA LEU C 132 -4.37 -39.31 -14.81
C LEU C 132 -4.55 -38.74 -16.21
N PRO C 133 -4.81 -39.59 -17.19
CA PRO C 133 -4.97 -39.11 -18.57
C PRO C 133 -6.04 -38.03 -18.67
N PRO C 134 -7.24 -38.26 -18.10
CA PRO C 134 -8.28 -37.21 -18.17
C PRO C 134 -7.78 -35.85 -17.71
N GLN C 135 -7.01 -35.82 -16.62
CA GLN C 135 -6.52 -34.54 -16.11
C GLN C 135 -5.40 -33.98 -16.97
N GLU C 136 -4.62 -34.84 -17.63
CA GLU C 136 -3.59 -34.36 -18.54
C GLU C 136 -4.19 -33.73 -19.78
N ILE C 137 -5.35 -34.23 -20.24
CA ILE C 137 -6.04 -33.60 -21.36
C ILE C 137 -6.46 -32.18 -20.98
N LEU C 138 -7.09 -32.03 -19.82
CA LEU C 138 -7.51 -30.70 -19.39
C LEU C 138 -6.32 -29.74 -19.34
N VAL C 139 -5.16 -30.23 -18.88
CA VAL C 139 -3.97 -29.40 -18.86
C VAL C 139 -3.64 -28.92 -20.27
N ASP C 140 -3.69 -29.82 -21.25
CA ASP C 140 -3.42 -29.44 -22.63
C ASP C 140 -4.44 -28.42 -23.11
N LYS C 141 -5.71 -28.58 -22.73
CA LYS C 141 -6.73 -27.60 -23.10
C LYS C 141 -6.45 -26.25 -22.46
N LEU C 142 -6.39 -26.21 -21.13
CA LEU C 142 -6.10 -24.95 -20.43
C LEU C 142 -4.85 -24.30 -21.00
N ALA C 143 -3.80 -25.08 -21.19
CA ALA C 143 -2.58 -24.53 -21.79
C ALA C 143 -2.87 -23.94 -23.17
N GLU C 144 -3.73 -24.61 -23.95
CA GLU C 144 -4.10 -24.08 -25.26
C GLU C 144 -4.94 -22.82 -25.13
N ASN C 145 -5.97 -22.85 -24.29
CA ASN C 145 -6.80 -21.67 -24.11
C ASN C 145 -6.00 -20.51 -23.54
N ALA C 146 -5.05 -20.80 -22.65
CA ALA C 146 -4.19 -19.75 -22.12
C ALA C 146 -3.50 -19.00 -23.24
N HIS C 147 -2.96 -19.74 -24.21
CA HIS C 147 -2.33 -19.10 -25.38
C HIS C 147 -3.32 -18.20 -26.10
N ASN C 148 -4.50 -18.72 -26.43
CA ASN C 148 -5.51 -17.93 -27.12
C ASN C 148 -5.82 -16.67 -26.32
N VAL C 149 -6.02 -16.80 -25.01
CA VAL C 149 -6.26 -15.63 -24.16
C VAL C 149 -5.10 -14.65 -24.30
N TRP C 150 -3.88 -15.15 -24.22
CA TRP C 150 -2.71 -14.29 -24.40
C TRP C 150 -2.66 -13.70 -25.80
N ALA C 151 -2.93 -14.52 -26.81
CA ALA C 151 -2.89 -14.03 -28.20
C ALA C 151 -3.93 -12.94 -28.43
N LYS C 152 -5.19 -13.22 -28.09
CA LYS C 152 -6.23 -12.21 -28.26
C LYS C 152 -5.85 -10.91 -27.56
N ASP C 153 -5.23 -11.01 -26.38
CA ASP C 153 -4.83 -9.81 -25.66
C ASP C 153 -3.76 -9.04 -26.43
N ARG C 154 -2.67 -9.72 -26.79
CA ARG C 154 -1.59 -9.06 -27.53
C ARG C 154 -2.11 -8.39 -28.80
N ILE C 155 -2.95 -9.11 -29.56
CA ILE C 155 -3.50 -8.54 -30.79
C ILE C 155 -4.32 -7.30 -30.50
N LYS C 156 -4.97 -7.24 -29.34
CA LYS C 156 -5.75 -6.06 -28.98
C LYS C 156 -4.84 -4.85 -28.73
N GLN C 157 -3.73 -5.06 -28.04
CA GLN C 157 -2.80 -3.99 -27.71
C GLN C 157 -1.95 -3.54 -28.90
N GLY C 158 -2.23 -4.05 -30.10
CA GLY C 158 -1.52 -3.64 -31.29
C GLY C 158 -0.45 -4.59 -31.78
N TRP C 159 -0.17 -5.66 -31.05
CA TRP C 159 0.90 -6.58 -31.43
C TRP C 159 0.53 -7.35 -32.69
N THR C 160 1.56 -7.79 -33.41
CA THR C 160 1.38 -8.51 -34.66
C THR C 160 2.49 -9.55 -34.80
N TYR C 161 2.36 -10.39 -35.81
CA TYR C 161 3.30 -11.47 -36.05
C TYR C 161 4.57 -10.95 -36.74
N GLY C 162 5.65 -11.70 -36.56
CA GLY C 162 6.90 -11.39 -37.24
C GLY C 162 7.85 -12.57 -37.14
N ILE C 163 8.94 -12.49 -37.91
CA ILE C 163 9.98 -13.50 -37.83
C ILE C 163 10.80 -13.31 -36.57
N GLN C 164 11.23 -12.08 -36.31
CA GLN C 164 11.95 -11.75 -35.09
C GLN C 164 10.93 -11.33 -34.03
N GLN C 165 11.41 -10.85 -32.88
CA GLN C 165 10.50 -10.46 -31.80
C GLN C 165 10.68 -8.98 -31.46
N ASP C 166 10.66 -8.12 -32.47
CA ASP C 166 10.83 -6.70 -32.24
C ASP C 166 9.82 -6.19 -31.23
N LEU C 167 10.28 -5.34 -30.31
CA LEU C 167 9.41 -4.76 -29.29
C LEU C 167 8.78 -3.45 -29.73
N LYS C 168 9.53 -2.61 -30.44
CA LYS C 168 8.99 -1.33 -30.90
C LYS C 168 7.86 -1.54 -31.89
N ASN C 169 8.09 -2.35 -32.91
CA ASN C 169 7.10 -2.63 -33.95
C ASN C 169 6.02 -3.61 -33.49
N LYS C 170 6.01 -3.97 -32.21
CA LYS C 170 5.03 -4.91 -31.66
C LYS C 170 4.88 -6.15 -32.56
N ARG C 171 6.02 -6.77 -32.84
CA ARG C 171 6.05 -8.03 -33.57
C ARG C 171 6.51 -9.14 -32.63
N ASN C 172 5.88 -10.31 -32.75
CA ASN C 172 6.18 -11.43 -31.89
C ASN C 172 6.00 -12.71 -32.69
N PRO C 173 7.01 -13.59 -32.72
CA PRO C 173 6.85 -14.83 -33.49
C PRO C 173 5.89 -15.82 -32.85
N ARG C 174 5.74 -15.81 -31.53
CA ARG C 174 4.84 -16.75 -30.88
C ARG C 174 3.37 -16.45 -31.16
N LEU C 175 3.05 -15.22 -31.57
CA LEU C 175 1.67 -14.84 -31.87
C LEU C 175 1.48 -15.76 -33.06
N VAL C 176 0.65 -16.80 -32.88
CA VAL C 176 0.44 -17.82 -33.91
C VAL C 176 -0.56 -18.82 -33.36
N PRO C 177 -1.26 -19.57 -34.21
CA PRO C 177 -2.16 -20.61 -33.69
C PRO C 177 -1.39 -21.64 -32.87
N TYR C 178 -2.02 -22.10 -31.78
CA TYR C 178 -1.37 -23.03 -30.87
C TYR C 178 -0.86 -24.26 -31.59
N ALA C 179 -1.58 -24.72 -32.63
CA ALA C 179 -1.17 -25.91 -33.36
C ALA C 179 0.16 -25.72 -34.06
N LEU C 180 0.43 -24.49 -34.55
CA LEU C 180 1.67 -24.19 -35.26
C LEU C 180 2.72 -23.57 -34.34
N LEU C 181 2.61 -23.78 -33.05
CA LEU C 181 3.54 -23.21 -32.08
C LEU C 181 4.66 -24.19 -31.78
N ASP C 182 5.85 -23.66 -31.54
CA ASP C 182 7.00 -24.51 -31.25
C ASP C 182 6.73 -25.37 -30.03
N GLU C 183 7.04 -26.66 -30.12
CA GLU C 183 6.86 -27.55 -28.99
C GLU C 183 7.67 -27.10 -27.78
N ARG C 184 8.66 -26.24 -27.98
CA ARG C 184 9.44 -25.72 -26.85
C ARG C 184 8.58 -24.86 -25.94
N THR C 185 8.05 -23.76 -26.47
CA THR C 185 7.22 -22.87 -25.64
C THR C 185 5.96 -23.59 -25.18
N LYS C 186 5.40 -24.46 -26.03
CA LYS C 186 4.25 -25.25 -25.59
C LYS C 186 4.58 -26.05 -24.33
N LYS C 187 5.78 -26.65 -24.29
CA LYS C 187 6.20 -27.34 -23.08
C LYS C 187 6.29 -26.37 -21.90
N SER C 188 6.77 -25.15 -22.15
CA SER C 188 6.85 -24.15 -21.09
C SER C 188 5.46 -23.82 -20.56
N ASN C 189 4.52 -23.51 -21.46
CA ASN C 189 3.16 -23.21 -21.04
C ASN C 189 2.50 -24.45 -20.42
N ARG C 190 2.57 -25.59 -21.13
CA ARG C 190 1.91 -26.80 -20.66
C ARG C 190 2.43 -27.23 -19.29
N ASP C 191 3.67 -26.89 -18.96
CA ASP C 191 4.22 -27.27 -17.66
C ASP C 191 3.71 -26.37 -16.54
N SER C 192 3.53 -25.08 -16.82
CA SER C 192 2.99 -24.18 -15.81
C SER C 192 1.55 -24.54 -15.46
N LEU C 193 0.70 -24.76 -16.46
CA LEU C 193 -0.66 -25.22 -16.21
C LEU C 193 -0.65 -26.57 -15.49
N ARG C 194 0.27 -27.45 -15.86
CA ARG C 194 0.29 -28.79 -15.28
C ARG C 194 0.54 -28.73 -13.78
N GLU C 195 1.38 -27.79 -13.33
CA GLU C 195 1.63 -27.65 -11.90
C GLU C 195 0.41 -27.05 -11.19
N ALA C 196 -0.29 -26.13 -11.85
CA ALA C 196 -1.50 -25.57 -11.27
C ALA C 196 -2.50 -26.67 -10.95
N VAL C 197 -2.84 -27.49 -11.93
CA VAL C 197 -3.76 -28.61 -11.69
C VAL C 197 -3.20 -29.53 -10.62
N ARG C 198 -1.89 -29.75 -10.63
CA ARG C 198 -1.26 -30.53 -9.58
C ARG C 198 -1.46 -29.87 -8.22
N THR C 199 -1.46 -28.54 -8.18
CA THR C 199 -1.74 -27.82 -6.95
C THR C 199 -3.15 -28.12 -6.45
N PHE C 200 -4.14 -28.06 -7.36
CA PHE C 200 -5.50 -28.40 -6.99
C PHE C 200 -5.56 -29.75 -6.28
N VAL C 201 -5.02 -30.79 -6.92
CA VAL C 201 -5.07 -32.12 -6.35
C VAL C 201 -4.34 -32.18 -5.02
N GLY C 202 -3.22 -31.47 -4.91
CA GLY C 202 -2.46 -31.46 -3.68
C GLY C 202 -3.21 -30.85 -2.52
N TYR C 203 -4.11 -29.91 -2.79
CA TYR C 203 -4.95 -29.30 -1.76
C TYR C 203 -6.21 -30.08 -1.48
N GLY C 204 -6.43 -31.20 -2.17
CA GLY C 204 -7.58 -32.05 -1.94
C GLY C 204 -8.66 -31.97 -3.00
N TYR C 205 -8.75 -30.86 -3.72
CA TYR C 205 -9.78 -30.71 -4.73
C TYR C 205 -9.67 -31.80 -5.79
N ASN C 206 -10.82 -32.28 -6.25
CA ASN C 206 -10.89 -33.27 -7.32
C ASN C 206 -11.33 -32.59 -8.60
N ILE C 207 -10.54 -32.76 -9.66
CA ILE C 207 -10.80 -32.13 -10.95
C ILE C 207 -11.20 -33.23 -11.93
N GLU C 208 -12.47 -33.20 -12.36
CA GLU C 208 -12.97 -34.18 -13.32
C GLU C 208 -14.18 -33.64 -14.05
N PRO C 209 -14.20 -33.72 -15.39
CA PRO C 209 -15.33 -33.27 -16.21
C PRO C 209 -16.67 -33.79 -15.71
N SER D 4 21.79 4.48 37.02
CA SER D 4 22.94 5.03 36.32
C SER D 4 22.76 4.95 34.81
N PHE D 5 23.57 5.71 34.07
CA PHE D 5 23.46 5.82 32.62
C PHE D 5 24.29 4.73 31.96
N ILE D 6 23.63 3.82 31.26
CA ILE D 6 24.30 2.75 30.53
C ILE D 6 23.78 2.72 29.11
N PRO D 7 24.27 3.60 28.23
CA PRO D 7 23.75 3.65 26.86
C PRO D 7 24.21 2.47 26.03
N CYS D 8 23.27 1.59 25.65
CA CYS D 8 23.56 0.47 24.77
C CYS D 8 22.87 0.69 23.43
N PRO D 9 23.56 1.17 22.40
CA PRO D 9 22.94 1.37 21.10
C PRO D 9 22.72 0.05 20.37
N VAL D 10 21.83 0.09 19.38
CA VAL D 10 21.54 -1.09 18.59
C VAL D 10 22.83 -1.59 17.94
N ASP D 11 23.04 -2.90 18.00
CA ASP D 11 24.27 -3.51 17.50
C ASP D 11 24.16 -3.72 15.99
N THR D 12 25.02 -3.04 15.23
CA THR D 12 25.06 -3.16 13.78
C THR D 12 26.34 -3.78 13.27
N SER D 13 27.16 -4.36 14.16
CA SER D 13 28.46 -4.88 13.74
C SER D 13 28.33 -6.09 12.82
N GLN D 14 27.24 -6.86 12.96
CA GLN D 14 26.97 -8.02 12.11
C GLN D 14 25.89 -7.73 11.09
N VAL D 15 25.83 -6.50 10.57
CA VAL D 15 24.78 -6.06 9.65
C VAL D 15 25.41 -5.78 8.30
N ILE D 16 25.00 -6.54 7.29
CA ILE D 16 25.53 -6.41 5.94
C ILE D 16 24.57 -5.54 5.14
N LEU D 17 25.03 -4.36 4.73
CA LEU D 17 24.21 -3.49 3.89
C LEU D 17 23.97 -4.17 2.56
N PRO D 18 22.74 -4.58 2.24
CA PRO D 18 22.49 -5.26 0.98
C PRO D 18 22.99 -4.44 -0.20
N PRO D 19 23.43 -5.10 -1.28
CA PRO D 19 23.91 -4.34 -2.44
C PRO D 19 22.87 -3.38 -3.01
N HIS D 20 21.60 -3.79 -3.04
CA HIS D 20 20.55 -2.99 -3.65
C HIS D 20 20.16 -1.78 -2.81
N LEU D 21 20.78 -1.58 -1.64
CA LEU D 21 20.56 -0.37 -0.85
C LEU D 21 21.72 0.60 -0.90
N GLU D 22 22.84 0.22 -1.53
CA GLU D 22 24.00 1.10 -1.57
C GLU D 22 23.68 2.42 -2.24
N LYS D 23 22.90 2.39 -3.33
CA LYS D 23 22.55 3.61 -4.03
C LYS D 23 21.83 4.59 -3.10
N ILE D 24 20.74 4.15 -2.48
CA ILE D 24 19.99 5.03 -1.59
C ILE D 24 20.86 5.49 -0.44
N ARG D 25 21.75 4.63 0.04
CA ARG D 25 22.69 5.04 1.08
C ARG D 25 23.58 6.19 0.62
N ASP D 26 23.94 6.19 -0.67
CA ASP D 26 24.78 7.26 -1.19
C ASP D 26 23.98 8.55 -1.38
N ARG D 27 22.73 8.44 -1.83
CA ARG D 27 21.91 9.64 -1.98
C ARG D 27 21.62 10.30 -0.65
N LEU D 28 21.51 9.51 0.43
CA LEU D 28 21.28 10.08 1.75
C LEU D 28 22.50 10.87 2.22
N ALA D 29 23.69 10.27 2.12
CA ALA D 29 24.90 10.96 2.56
C ALA D 29 25.08 12.28 1.83
N GLU D 30 24.62 12.37 0.58
CA GLU D 30 24.75 13.61 -0.16
C GLU D 30 23.77 14.66 0.35
N ASN D 31 22.48 14.30 0.46
CA ASN D 31 21.47 15.28 0.86
C ASN D 31 21.76 15.85 2.24
N ILE D 32 22.27 15.03 3.15
CA ILE D 32 22.64 15.52 4.48
C ILE D 32 23.63 16.67 4.35
N HIS D 33 24.74 16.42 3.64
CA HIS D 33 25.73 17.46 3.39
C HIS D 33 25.07 18.73 2.83
N GLU D 34 24.27 18.58 1.78
CA GLU D 34 23.64 19.75 1.16
C GLU D 34 22.78 20.53 2.15
N LEU D 35 22.19 19.84 3.13
CA LEU D 35 21.46 20.54 4.18
C LEU D 35 22.41 21.30 5.09
N TRP D 36 23.45 20.62 5.59
CA TRP D 36 24.48 21.29 6.38
C TRP D 36 25.04 22.49 5.63
N GLY D 37 25.07 22.44 4.29
CA GLY D 37 25.50 23.59 3.53
C GLY D 37 24.61 24.80 3.75
N MET D 38 23.29 24.60 3.64
CA MET D 38 22.37 25.71 3.86
C MET D 38 22.53 26.31 5.24
N ASN D 39 22.80 25.47 6.25
CA ASN D 39 22.95 25.98 7.60
C ASN D 39 23.95 27.13 7.66
N LYS D 40 25.09 26.98 6.99
CA LYS D 40 26.09 28.04 6.95
C LYS D 40 25.69 29.15 5.98
N ILE D 41 25.48 28.80 4.71
CA ILE D 41 25.03 29.76 3.72
C ILE D 41 23.52 29.94 3.82
N PRO D 59 34.56 22.23 7.89
CA PRO D 59 33.60 22.95 7.05
C PRO D 59 34.05 23.06 5.59
N CYS D 60 33.50 22.21 4.73
CA CYS D 60 33.88 22.15 3.31
C CYS D 60 32.68 22.54 2.47
N LEU D 61 32.67 23.79 2.01
CA LEU D 61 31.58 24.29 1.16
C LEU D 61 31.55 23.63 -0.23
N VAL D 62 32.45 22.71 -0.52
CA VAL D 62 32.49 22.08 -1.84
C VAL D 62 31.33 21.11 -2.06
N GLU D 63 31.04 20.84 -3.34
CA GLU D 63 30.07 19.81 -3.67
C GLU D 63 30.53 18.46 -3.11
N PHE D 64 29.58 17.53 -2.99
CA PHE D 64 29.91 16.27 -2.33
C PHE D 64 31.05 15.55 -3.04
N SER D 65 31.08 15.60 -4.37
CA SER D 65 32.15 14.94 -5.11
C SER D 65 33.49 15.61 -4.86
N LYS D 66 33.50 16.92 -4.61
CA LYS D 66 34.74 17.65 -4.33
C LYS D 66 35.20 17.50 -2.89
N LEU D 67 34.36 16.98 -2.01
CA LEU D 67 34.72 16.85 -0.61
C LEU D 67 35.97 15.99 -0.45
N PRO D 68 36.75 16.22 0.61
CA PRO D 68 37.92 15.36 0.85
C PRO D 68 37.50 13.97 1.29
N GLU D 69 38.37 12.99 0.99
CA GLU D 69 38.03 11.60 1.25
C GLU D 69 37.59 11.38 2.69
N THR D 70 38.33 11.94 3.64
CA THR D 70 38.01 11.74 5.05
C THR D 70 36.60 12.24 5.36
N GLU D 71 36.26 13.44 4.88
CA GLU D 71 34.91 13.96 5.11
C GLU D 71 33.86 13.12 4.41
N LYS D 72 34.15 12.68 3.18
CA LYS D 72 33.21 11.81 2.47
C LYS D 72 32.89 10.57 3.28
N ASN D 73 33.91 9.79 3.62
CA ASN D 73 33.69 8.51 4.29
C ASN D 73 32.91 8.66 5.58
N TYR D 74 33.09 9.78 6.30
CA TYR D 74 32.30 10.02 7.50
C TYR D 74 30.83 10.16 7.14
N ASN D 75 30.51 11.08 6.24
CA ASN D 75 29.12 11.26 5.81
C ASN D 75 28.54 9.97 5.27
N LEU D 76 29.34 9.22 4.49
CA LEU D 76 28.87 7.94 3.98
C LEU D 76 28.66 6.94 5.11
N GLN D 77 29.59 6.89 6.07
CA GLN D 77 29.44 5.98 7.19
C GLN D 77 28.17 6.28 7.99
N MET D 78 27.87 7.57 8.17
CA MET D 78 26.66 7.95 8.89
C MET D 78 25.42 7.43 8.17
N SER D 79 25.33 7.69 6.87
CA SER D 79 24.19 7.16 6.10
C SER D 79 24.11 5.65 6.21
N THR D 80 25.26 4.96 6.15
CA THR D 80 25.26 3.52 6.25
C THR D 80 24.75 3.06 7.61
N GLU D 81 25.30 3.65 8.69
CA GLU D 81 24.89 3.24 10.03
C GLU D 81 23.41 3.46 10.25
N THR D 82 22.85 4.52 9.67
CA THR D 82 21.42 4.75 9.80
C THR D 82 20.61 3.63 9.15
N LEU D 83 21.02 3.21 7.95
CA LEU D 83 20.36 2.09 7.30
C LEU D 83 20.56 0.80 8.09
N LYS D 84 21.81 0.53 8.50
CA LYS D 84 22.08 -0.67 9.28
C LYS D 84 21.30 -0.67 10.58
N THR D 85 21.02 0.50 11.14
CA THR D 85 20.20 0.56 12.36
C THR D 85 18.76 0.18 12.06
N LEU D 86 18.19 0.71 10.98
CA LEU D 86 16.85 0.31 10.59
C LEU D 86 16.79 -1.18 10.27
N LEU D 87 17.83 -1.70 9.61
CA LEU D 87 17.89 -3.14 9.36
C LEU D 87 17.94 -3.93 10.66
N ALA D 88 18.82 -3.52 11.58
CA ALA D 88 18.94 -4.22 12.85
C ALA D 88 17.62 -4.21 13.60
N LEU D 89 16.87 -3.11 13.52
CA LEU D 89 15.56 -3.03 14.16
C LEU D 89 14.51 -3.94 13.53
N GLY D 90 14.86 -4.74 12.52
CA GLY D 90 13.91 -5.65 11.92
C GLY D 90 13.02 -4.96 10.91
N CYS D 91 13.37 -3.77 10.47
CA CYS D 91 12.56 -3.09 9.47
C CYS D 91 12.80 -3.69 8.08
N HIS D 92 11.83 -3.48 7.20
CA HIS D 92 11.93 -3.91 5.82
C HIS D 92 12.05 -2.68 4.93
N ILE D 93 13.14 -2.61 4.18
CA ILE D 93 13.46 -1.46 3.33
C ILE D 93 13.42 -1.94 1.89
N ALA D 94 12.40 -1.50 1.14
CA ALA D 94 12.21 -1.93 -0.23
C ALA D 94 11.69 -0.79 -1.08
N HIS D 95 12.24 -0.65 -2.28
CA HIS D 95 11.78 0.34 -3.25
C HIS D 95 10.39 -0.06 -3.73
N VAL D 96 9.39 0.76 -3.41
CA VAL D 96 7.99 0.43 -3.66
C VAL D 96 7.37 1.37 -4.69
N ASN D 97 7.47 2.68 -4.47
CA ASN D 97 6.86 3.65 -5.36
C ASN D 97 7.89 4.21 -6.34
N PRO D 98 8.08 3.59 -7.50
CA PRO D 98 9.11 4.08 -8.44
C PRO D 98 8.86 5.50 -8.93
N ALA D 99 7.61 5.97 -8.91
CA ALA D 99 7.32 7.31 -9.40
C ALA D 99 7.98 8.39 -8.53
N ALA D 100 8.17 8.09 -7.24
CA ALA D 100 8.71 9.11 -6.33
C ALA D 100 10.02 9.69 -6.84
N GLU D 101 10.89 8.85 -7.40
CA GLU D 101 12.16 9.34 -7.90
C GLU D 101 11.97 10.41 -8.97
N GLU D 102 10.84 10.37 -9.69
CA GLU D 102 10.60 11.32 -10.76
C GLU D 102 10.16 12.68 -10.21
N ASP D 103 9.21 12.68 -9.27
CA ASP D 103 8.70 13.92 -8.72
C ASP D 103 9.68 14.59 -7.75
N LEU D 104 10.74 13.91 -7.36
CA LEU D 104 11.68 14.46 -6.40
C LEU D 104 12.42 15.65 -7.00
N LYS D 105 12.52 16.73 -6.24
CA LYS D 105 13.14 17.97 -6.69
C LYS D 105 13.97 18.58 -5.59
N LYS D 106 14.97 19.36 -5.98
CA LYS D 106 15.85 20.06 -5.04
C LYS D 106 15.42 21.51 -4.87
N VAL D 107 15.72 22.07 -3.71
CA VAL D 107 15.38 23.46 -3.42
C VAL D 107 16.27 24.37 -4.25
N LYS D 108 15.65 25.21 -5.08
CA LYS D 108 16.38 26.17 -5.90
C LYS D 108 16.60 27.44 -5.08
N LEU D 109 17.62 27.38 -4.21
CA LEU D 109 17.92 28.51 -3.34
C LEU D 109 18.30 29.74 -4.18
N PRO D 110 18.15 30.93 -3.61
CA PRO D 110 18.56 32.15 -4.31
C PRO D 110 20.04 32.15 -4.62
N LYS D 111 20.44 33.04 -5.52
CA LYS D 111 21.85 33.15 -5.91
C LYS D 111 22.73 33.57 -4.75
N ASN D 112 22.17 34.19 -3.71
CA ASN D 112 22.97 34.62 -2.57
C ASN D 112 23.78 33.47 -1.98
N TYR D 113 23.20 32.27 -1.95
CA TYR D 113 23.86 31.13 -1.34
C TYR D 113 25.06 30.64 -2.15
N MET D 114 25.26 31.16 -3.36
CA MET D 114 26.42 30.77 -4.15
C MET D 114 27.70 31.15 -3.43
N MET D 115 28.63 30.21 -3.35
CA MET D 115 29.91 30.43 -2.69
C MET D 115 30.98 30.77 -3.72
N SER D 116 32.06 31.39 -3.23
CA SER D 116 33.20 31.68 -4.11
C SER D 116 33.66 30.42 -4.83
N ASN D 117 33.44 29.25 -4.22
CA ASN D 117 33.79 27.99 -4.88
C ASN D 117 32.98 27.78 -6.16
N GLY D 118 31.80 28.38 -6.24
CA GLY D 118 30.93 28.23 -7.39
C GLY D 118 29.84 27.19 -7.24
N TYR D 119 29.66 26.64 -6.05
CA TYR D 119 28.63 25.63 -5.79
C TYR D 119 27.64 26.17 -4.76
N LYS D 120 26.35 26.01 -5.04
CA LYS D 120 25.30 26.47 -4.15
C LYS D 120 24.59 25.28 -3.52
N PRO D 121 24.44 25.26 -2.19
CA PRO D 121 23.73 24.15 -1.55
C PRO D 121 22.34 23.95 -2.15
N ALA D 122 22.03 22.71 -2.50
CA ALA D 122 20.77 22.37 -3.16
C ALA D 122 20.18 21.11 -2.52
N PRO D 123 19.71 21.22 -1.28
CA PRO D 123 19.06 20.07 -0.64
C PRO D 123 17.79 19.68 -1.36
N LEU D 124 17.25 18.53 -0.97
CA LEU D 124 16.03 18.01 -1.57
C LEU D 124 14.81 18.70 -0.97
N ASP D 125 13.85 19.03 -1.83
CA ASP D 125 12.59 19.63 -1.40
C ASP D 125 11.70 18.52 -0.85
N LEU D 126 11.79 18.31 0.46
CA LEU D 126 11.04 17.27 1.14
C LEU D 126 9.96 17.84 2.05
N SER D 127 9.45 19.02 1.71
CA SER D 127 8.40 19.63 2.51
C SER D 127 7.05 18.96 2.28
N ASP D 128 6.87 18.28 1.15
CA ASP D 128 5.62 17.57 0.85
C ASP D 128 5.72 16.08 1.17
N VAL D 129 6.68 15.68 1.99
CA VAL D 129 6.86 14.28 2.36
C VAL D 129 6.39 14.07 3.79
N LYS D 130 5.08 13.93 3.98
CA LYS D 130 4.52 13.68 5.30
C LYS D 130 4.76 12.24 5.70
N LEU D 131 5.28 12.04 6.90
CA LEU D 131 5.54 10.70 7.42
C LEU D 131 4.34 10.19 8.20
N LEU D 132 4.02 8.91 7.98
CA LEU D 132 2.93 8.27 8.67
C LEU D 132 3.34 7.95 10.11
N PRO D 133 2.38 7.56 10.95
CA PRO D 133 2.69 7.29 12.36
C PRO D 133 3.79 6.24 12.50
N PRO D 134 3.67 5.09 11.82
CA PRO D 134 4.68 4.04 12.00
C PRO D 134 6.08 4.49 11.64
N GLN D 135 6.22 5.42 10.70
CA GLN D 135 7.54 5.90 10.33
C GLN D 135 8.04 6.99 11.27
N GLU D 136 7.13 7.81 11.81
CA GLU D 136 7.53 8.79 12.82
C GLU D 136 8.08 8.10 14.06
N ILE D 137 7.45 6.99 14.48
CA ILE D 137 7.97 6.23 15.60
C ILE D 137 9.38 5.75 15.30
N LEU D 138 9.62 5.27 14.08
CA LEU D 138 10.97 4.88 13.69
C LEU D 138 11.95 6.04 13.86
N VAL D 139 11.50 7.26 13.57
CA VAL D 139 12.37 8.43 13.74
C VAL D 139 12.70 8.61 15.22
N ASP D 140 11.74 8.34 16.11
CA ASP D 140 12.00 8.42 17.53
C ASP D 140 13.10 7.46 17.95
N LYS D 141 13.03 6.21 17.47
CA LYS D 141 14.05 5.23 17.80
C LYS D 141 15.41 5.63 17.25
N LEU D 142 15.46 5.98 15.96
CA LEU D 142 16.70 6.46 15.38
C LEU D 142 17.28 7.62 16.17
N ALA D 143 16.43 8.55 16.59
CA ALA D 143 16.89 9.67 17.41
C ALA D 143 17.43 9.17 18.75
N GLU D 144 16.62 8.40 19.48
CA GLU D 144 17.07 7.88 20.76
C GLU D 144 18.35 7.06 20.60
N ASN D 145 18.43 6.25 19.54
CA ASN D 145 19.64 5.46 19.32
C ASN D 145 20.84 6.34 19.00
N ALA D 146 20.62 7.41 18.22
CA ALA D 146 21.72 8.32 17.91
C ALA D 146 22.28 8.95 19.18
N HIS D 147 21.41 9.34 20.11
CA HIS D 147 21.90 9.88 21.38
C HIS D 147 22.72 8.84 22.12
N ASN D 148 22.31 7.57 22.06
CA ASN D 148 23.03 6.53 22.78
C ASN D 148 24.38 6.24 22.13
N VAL D 149 24.44 6.26 20.81
CA VAL D 149 25.72 6.10 20.12
C VAL D 149 26.64 7.28 20.46
N TRP D 150 26.08 8.48 20.50
CA TRP D 150 26.87 9.67 20.83
C TRP D 150 27.38 9.60 22.27
N ALA D 151 26.49 9.35 23.23
CA ALA D 151 26.89 9.30 24.62
C ALA D 151 27.95 8.23 24.86
N LYS D 152 27.78 7.05 24.24
CA LYS D 152 28.75 5.98 24.44
C LYS D 152 30.14 6.40 24.00
N ASP D 153 30.24 7.12 22.89
CA ASP D 153 31.54 7.62 22.44
C ASP D 153 32.12 8.60 23.45
N ARG D 154 31.35 9.64 23.80
CA ARG D 154 31.81 10.64 24.76
C ARG D 154 32.34 9.99 26.03
N ILE D 155 31.52 9.15 26.66
CA ILE D 155 31.92 8.49 27.90
C ILE D 155 33.25 7.77 27.72
N LYS D 156 33.40 7.05 26.60
CA LYS D 156 34.64 6.32 26.35
C LYS D 156 35.81 7.29 26.22
N GLN D 157 35.62 8.37 25.46
CA GLN D 157 36.68 9.37 25.31
C GLN D 157 36.95 10.15 26.60
N GLY D 158 36.21 9.88 27.68
CA GLY D 158 36.47 10.49 28.96
C GLY D 158 35.42 11.44 29.47
N TRP D 159 34.46 11.82 28.61
CA TRP D 159 33.43 12.76 29.04
C TRP D 159 32.57 12.17 30.16
N THR D 160 32.16 13.03 31.09
CA THR D 160 31.32 12.62 32.20
C THR D 160 30.20 13.63 32.37
N TYR D 161 29.18 13.24 33.13
CA TYR D 161 28.04 14.12 33.37
C TYR D 161 28.44 15.29 34.25
N GLY D 162 27.93 16.47 33.90
CA GLY D 162 28.15 17.66 34.71
C GLY D 162 27.03 18.65 34.51
N ILE D 163 26.89 19.57 35.46
CA ILE D 163 25.84 20.56 35.37
C ILE D 163 26.16 21.60 34.30
N GLN D 164 27.45 21.89 34.10
CA GLN D 164 27.90 22.88 33.12
C GLN D 164 28.84 22.23 32.12
N GLN D 165 28.68 22.59 30.85
CA GLN D 165 29.48 22.01 29.77
C GLN D 165 30.85 22.67 29.77
N ASP D 166 31.84 21.95 30.31
CA ASP D 166 33.22 22.43 30.38
C ASP D 166 34.07 21.57 29.46
N LEU D 167 34.35 22.09 28.27
CA LEU D 167 35.21 21.37 27.33
C LEU D 167 36.54 20.98 27.97
N LYS D 168 37.05 21.82 28.88
CA LYS D 168 38.30 21.50 29.56
C LYS D 168 38.15 20.27 30.44
N ASN D 169 37.16 20.28 31.33
CA ASN D 169 36.95 19.18 32.27
C ASN D 169 36.20 18.01 31.65
N LYS D 170 35.98 18.01 30.33
CA LYS D 170 35.28 16.94 29.64
C LYS D 170 33.92 16.68 30.27
N ARG D 171 33.18 17.76 30.52
CA ARG D 171 31.87 17.70 31.13
C ARG D 171 30.80 18.08 30.11
N ASN D 172 29.58 17.60 30.34
CA ASN D 172 28.49 17.90 29.44
C ASN D 172 27.16 17.57 30.13
N PRO D 173 26.19 18.49 30.14
CA PRO D 173 24.91 18.19 30.78
C PRO D 173 24.07 17.19 30.01
N ARG D 174 24.27 17.04 28.71
CA ARG D 174 23.44 16.17 27.90
C ARG D 174 23.79 14.69 28.07
N LEU D 175 24.87 14.37 28.76
CA LEU D 175 25.21 12.97 29.01
C LEU D 175 24.19 12.53 30.05
N VAL D 176 23.02 12.08 29.59
CA VAL D 176 21.96 11.62 30.47
C VAL D 176 21.12 10.67 29.63
N PRO D 177 20.25 9.87 30.25
CA PRO D 177 19.34 9.03 29.46
C PRO D 177 18.55 9.89 28.48
N TYR D 178 18.22 9.31 27.32
CA TYR D 178 17.48 10.04 26.32
C TYR D 178 16.18 10.61 26.88
N ALA D 179 15.56 9.90 27.81
CA ALA D 179 14.32 10.37 28.41
C ALA D 179 14.53 11.69 29.14
N LEU D 180 15.56 11.73 30.00
CA LEU D 180 15.86 12.92 30.79
C LEU D 180 16.38 14.10 29.96
N LEU D 181 16.50 13.92 28.64
CA LEU D 181 17.05 14.97 27.79
C LEU D 181 16.08 16.11 27.48
N ASP D 182 16.62 17.33 27.42
CA ASP D 182 15.79 18.49 27.14
C ASP D 182 15.09 18.35 25.80
N GLU D 183 13.83 18.78 25.74
CA GLU D 183 13.11 18.76 24.47
C GLU D 183 13.82 19.57 23.40
N ARG D 184 14.61 20.56 23.82
CA ARG D 184 15.36 21.36 22.85
C ARG D 184 16.43 20.52 22.16
N THR D 185 17.21 19.76 22.93
CA THR D 185 18.22 18.91 22.33
C THR D 185 17.59 17.80 21.51
N LYS D 186 16.49 17.23 21.99
CA LYS D 186 15.80 16.18 21.24
C LYS D 186 15.36 16.69 19.88
N LYS D 187 14.65 17.82 19.85
CA LYS D 187 14.08 18.33 18.61
C LYS D 187 15.13 18.44 17.51
N SER D 188 16.26 19.09 17.82
CA SER D 188 17.31 19.27 16.81
C SER D 188 17.74 17.93 16.23
N ASN D 189 18.10 16.97 17.08
CA ASN D 189 18.54 15.67 16.59
C ASN D 189 17.40 14.90 15.93
N ARG D 190 16.21 14.96 16.51
CA ARG D 190 15.08 14.22 15.97
C ARG D 190 14.64 14.76 14.62
N ASP D 191 14.89 16.05 14.35
CA ASP D 191 14.53 16.61 13.05
C ASP D 191 15.47 16.13 11.95
N SER D 192 16.77 16.04 12.26
CA SER D 192 17.74 15.60 11.26
C SER D 192 17.41 14.22 10.75
N LEU D 193 17.06 13.29 11.66
CA LEU D 193 16.66 11.96 11.24
C LEU D 193 15.33 11.99 10.49
N ARG D 194 14.44 12.91 10.85
CA ARG D 194 13.18 13.04 10.12
C ARG D 194 13.44 13.34 8.64
N GLU D 195 14.44 14.18 8.35
CA GLU D 195 14.85 14.40 6.97
C GLU D 195 15.40 13.12 6.35
N ALA D 196 16.16 12.34 7.12
CA ALA D 196 16.70 11.08 6.61
C ALA D 196 15.58 10.17 6.15
N VAL D 197 14.63 9.87 7.04
CA VAL D 197 13.53 8.98 6.67
C VAL D 197 12.72 9.57 5.53
N ARG D 198 12.52 10.90 5.54
CA ARG D 198 11.83 11.53 4.42
C ARG D 198 12.59 11.28 3.12
N THR D 199 13.92 11.28 3.17
CA THR D 199 14.71 11.01 1.98
C THR D 199 14.40 9.63 1.41
N PHE D 200 14.36 8.62 2.27
CA PHE D 200 14.02 7.27 1.81
C PHE D 200 12.64 7.25 1.14
N VAL D 201 11.67 7.93 1.75
CA VAL D 201 10.33 7.97 1.16
C VAL D 201 10.35 8.79 -0.13
N GLY D 202 11.12 9.88 -0.15
CA GLY D 202 11.19 10.68 -1.35
C GLY D 202 11.68 9.89 -2.56
N TYR D 203 12.74 9.12 -2.38
CA TYR D 203 13.25 8.28 -3.46
C TYR D 203 12.36 7.07 -3.72
N GLY D 204 11.28 6.90 -2.97
CA GLY D 204 10.35 5.81 -3.22
C GLY D 204 10.57 4.57 -2.40
N TYR D 205 11.32 4.64 -1.31
CA TYR D 205 11.55 3.48 -0.46
C TYR D 205 10.52 3.41 0.67
N ASN D 206 10.19 2.19 1.07
CA ASN D 206 9.23 1.94 2.14
C ASN D 206 9.96 1.40 3.37
N ILE D 207 9.61 1.93 4.53
CA ILE D 207 10.22 1.54 5.80
C ILE D 207 9.12 0.92 6.64
N GLU D 208 9.09 -0.42 6.70
CA GLU D 208 8.07 -1.13 7.45
C GLU D 208 8.65 -1.61 8.76
N PRO D 209 8.17 -1.13 9.90
CA PRO D 209 8.74 -1.54 11.18
C PRO D 209 8.30 -2.94 11.60
N SER D 210 9.02 -3.48 12.56
CA SER D 210 8.66 -4.76 13.17
C SER D 210 8.54 -5.87 12.12
PG ACP E . -2.34 -9.79 18.27
O1G ACP E . -2.10 -9.06 16.99
O2G ACP E . -1.96 -11.29 18.18
O3G ACP E . -1.55 -9.18 19.46
PB ACP E . -4.73 -8.06 18.49
O1B ACP E . -5.21 -7.91 17.06
O2B ACP E . -3.57 -7.06 18.78
C3B ACP E . -4.07 -9.74 18.74
PA ACP E . -7.27 -8.51 19.16
O1A ACP E . -7.13 -9.98 19.33
O2A ACP E . -7.71 -8.09 17.76
O3A ACP E . -5.93 -7.74 19.52
O5' ACP E . -8.30 -7.93 20.21
C5' ACP E . -9.26 -6.92 19.84
C4' ACP E . -9.45 -5.96 20.98
O4' ACP E . -8.81 -6.55 22.13
C3' ACP E . -8.58 -4.74 20.74
O3' ACP E . -9.38 -3.76 20.09
C2' ACP E . -8.39 -4.22 22.16
O2' ACP E . -9.63 -3.68 22.57
C1' ACP E . -8.27 -5.52 22.95
N9 ACP E . -6.87 -5.88 23.17
C8 ACP E . -6.12 -6.72 22.41
N7 ACP E . -4.89 -6.87 22.83
C5 ACP E . -4.82 -6.06 23.96
C6 ACP E . -3.80 -5.78 24.87
N6 ACP E . -2.57 -6.30 24.80
N1 ACP E . -4.07 -4.92 25.88
C2 ACP E . -5.29 -4.40 25.97
N3 ACP E . -6.35 -4.60 25.17
C4 ACP E . -6.04 -5.44 24.17
H3B1 ACP E . -4.16 -9.98 19.68
H3B2 ACP E . -4.57 -10.36 18.20
H5'1 ACP E . -10.12 -7.35 19.64
H5'2 ACP E . -8.96 -6.45 19.05
H4' ACP E . -10.37 -5.75 21.16
H3' ACP E . -7.75 -4.97 20.29
HO3' ACP E . -9.35 -3.92 19.26
H2' ACP E . -7.61 -3.64 22.24
HO2' ACP E . -10.19 -3.78 21.94
H1' ACP E . -8.77 -5.46 23.78
H8 ACP E . -6.45 -7.15 21.65
HN61 ACP E . -2.36 -6.83 24.15
HN62 ACP E . -1.97 -6.10 25.39
H2 ACP E . -5.43 -3.83 26.68
C10 A1L7G F . -2.54 -9.83 28.53
C15 A1L7G F . -8.16 -6.61 27.71
C20 A1L7G F . -9.51 -4.66 28.17
C21 A1L7G F . -8.79 -3.78 29.19
C22 A1L7G F . -9.23 -4.11 30.61
C01 A1L7G F . -0.26 -11.92 26.48
C02 A1L7G F . -0.78 -11.70 25.21
C03 A1L7G F . -1.87 -10.87 25.03
C04 A1L7G F . -2.46 -10.23 26.15
C05 A1L7G F . -1.95 -10.46 27.41
C06 A1L7G F . -0.84 -11.30 27.59
C07 A1L7G F . -3.57 -9.39 25.97
C08 A1L7G F . -4.16 -8.79 27.08
C09 A1L7G F . -3.64 -9.00 28.35
C12 A1L7G F . -6.64 -8.41 26.66
C14 A1L7G F . -7.77 -7.41 26.47
C16 A1L7G F . -7.07 -6.42 28.74
N11 A1L7G F . -5.30 -7.90 26.90
N17 A1L7G F . -8.55 -5.27 27.26
O13 A1L7G F . -6.82 -9.58 26.58
O18 A1L7G F . -7.33 -6.61 29.96
O19 A1L7G F . -5.91 -6.07 28.40
O23 A1L7G F . -8.49 -3.34 31.51
H101 A1L7G F . -2.14 -10.01 29.51
H151 A1L7G F . -8.97 -7.14 28.18
H202 A1L7G F . -10.06 -5.44 28.69
H201 A1L7G F . -10.21 -4.06 27.60
H212 A1L7G F . -9.03 -2.74 28.98
H211 A1L7G F . -7.73 -3.93 29.10
H221 A1L7G F . -9.06 -5.16 30.81
H222 A1L7G F . -10.29 -3.89 30.73
H011 A1L7G F . 0.60 -12.57 26.62
H021 A1L7G F . -0.32 -12.18 24.36
H031 A1L7G F . -2.28 -10.69 24.05
H061 A1L7G F . -0.43 -11.47 28.57
H071 A1L7G F . -3.97 -9.22 24.99
H091 A1L7G F . -4.08 -8.51 29.21
H142 A1L7G F . -8.65 -7.96 26.15
H141 A1L7G F . -7.48 -6.72 25.70
H111 A1L7G F . -5.15 -6.91 26.95
H172 A1L7G F . -7.74 -4.69 27.23
H231 A1L7G F . -8.62 -2.42 31.32
PG ACP G . -21.63 14.19 -13.44
O1G ACP G . -22.32 13.78 -14.71
O2G ACP G . -20.54 15.27 -13.69
O3G ACP G . -22.62 14.76 -12.40
PB ACP G . -19.69 11.96 -13.84
O1B ACP G . -18.71 11.12 -13.07
O2B ACP G . -18.91 13.06 -14.62
C3B ACP G . -20.82 12.80 -12.66
PA ACP G . -20.33 9.50 -14.71
O1A ACP G . -21.42 8.75 -15.35
O2A ACP G . -20.17 9.21 -13.21
O3A ACP G . -20.55 11.09 -14.89
O5' ACP G . -18.96 9.22 -15.45
C5' ACP G . -18.59 7.88 -15.85
C4' ACP G . -17.40 7.93 -16.77
O4' ACP G . -17.82 8.62 -17.95
C3' ACP G . -16.35 8.87 -16.19
O3' ACP G . -15.42 8.08 -15.48
C2' ACP G . -15.63 9.32 -17.45
O2' ACP G . -14.83 8.24 -17.92
C1' ACP G . -16.77 9.43 -18.45
N9 ACP G . -17.30 10.79 -18.49
C8 ACP G . -18.38 11.28 -17.80
N7 ACP G . -18.63 12.54 -18.02
C5 ACP G . -17.65 12.92 -18.92
C6 ACP G . -17.36 14.15 -19.56
N6 ACP G . -18.07 15.26 -19.39
N1 ACP G . -16.30 14.18 -20.40
C2 ACP G . -15.60 13.07 -20.59
N3 ACP G . -15.77 11.86 -20.04
C4 ACP G . -16.81 11.85 -19.22
H3B1 ACP G . -20.30 13.12 -11.90
H3B2 ACP G . -21.48 12.17 -12.36
H5'1 ACP G . -19.33 7.46 -16.31
H5'2 ACP G . -18.36 7.37 -15.06
H4' ACP G . -17.05 7.05 -16.99
H3' ACP G . -16.77 9.59 -15.69
HO3' ACP G . -14.66 8.45 -15.51
H2' ACP G . -15.15 10.16 -17.30
HO2' ACP G . -15.28 7.52 -17.85
H1' ACP G . -16.50 9.11 -19.32
H8 ACP G . -18.88 10.75 -17.22
HN61 ACP G . -17.86 15.98 -19.81
HN62 ACP G . -18.75 15.27 -18.85
H2 ACP G . -14.88 13.14 -21.19
C10 A1L7G H . -21.34 16.45 -23.23
C15 A1L7G H . -17.84 10.93 -23.63
C20 A1L7G H . -15.59 10.04 -23.92
C21 A1L7G H . -15.25 9.85 -25.41
C22 A1L7G H . -14.02 10.66 -25.80
C01 A1L7G H . -23.67 17.94 -20.79
C02 A1L7G H . -23.49 17.09 -19.70
C03 A1L7G H . -22.59 16.04 -19.79
C04 A1L7G H . -21.87 15.82 -20.97
C05 A1L7G H . -22.06 16.65 -22.04
C06 A1L7G H . -22.97 17.73 -21.95
C07 A1L7G H . -20.95 14.75 -21.06
C08 A1L7G H . -20.25 14.53 -22.25
C09 A1L7G H . -20.44 15.39 -23.32
C12 A1L7G H . -19.54 12.08 -22.02
C14 A1L7G H . -18.45 11.04 -22.23
C16 A1L7G H . -17.15 12.20 -24.10
N11 A1L7G H . -19.29 13.45 -22.39
N17 A1L7G H . -16.97 9.73 -23.60
O13 A1L7G H . -20.59 11.78 -21.54
O18 A1L7G H . -16.91 13.13 -23.29
O19 A1L7G H . -16.81 12.30 -25.30
O23 A1L7G H . -13.95 10.73 -27.19
H101 A1L7G H . -21.49 17.11 -24.08
H151 A1L7G H . -18.59 10.77 -24.40
H202 A1L7G H . -15.39 11.07 -23.67
H201 A1L7G H . -14.94 9.39 -23.34
H212 A1L7G H . -16.10 10.16 -26.01
H211 A1L7G H . -15.07 8.79 -25.59
H221 A1L7G H . -13.13 10.17 -25.43
H222 A1L7G H . -14.09 11.65 -25.38
H011 A1L7G H . -24.38 18.76 -20.72
H021 A1L7G H . -24.04 17.27 -18.78
H031 A1L7G H . -22.44 15.39 -18.93
H061 A1L7G H . -23.12 18.38 -22.81
H071 A1L7G H . -20.80 14.09 -20.22
H091 A1L7G H . -19.89 15.23 -24.25
H142 A1L7G H . -18.87 10.06 -21.97
H141 A1L7G H . -17.64 11.26 -21.53
H111 A1L7G H . -18.39 13.67 -22.78
H172 A1L7G H . -16.99 9.37 -22.67
H231 A1L7G H . -14.49 10.06 -27.58
#